data_9E4X
#
_entry.id   9E4X
#
_cell.length_a   54.408
_cell.length_b   74.549
_cell.length_c   199.862
_cell.angle_alpha   90.000
_cell.angle_beta   90.000
_cell.angle_gamma   90.000
#
_symmetry.space_group_name_H-M   'P 21 21 21'
#
loop_
_entity.id
_entity.type
_entity.pdbx_description
1 polymer 'Amino acid adenylation domain protein'
2 non-polymer 'IODIDE ION'
#
_entity_poly.entity_id   1
_entity_poly.type   'polypeptide(L)'
_entity_poly.pdbx_seq_one_letter_code
;SNAEYVQFESRSLLSLFTVGKIPPVDAAALCYWGEYDPEMFDWSRDYMIENIFENLPFWTMIKQTNWGRIAIIALPRFVS
DLYSNQDDAVQVIIEALEMAGIIGAKFVSLTGLIPSATDYGLAITKAVANREDLPKITTGHRTTGAAVVLTIKKICEQGG
RDLSTEKVGFIGLGSVGMNVLPLMLKCLPHPQEITLCDVYSKLEFLENIEQNLVHKFGFKGKIKLALSKTTVPQEIYDST
LIVGATNVANVLDIMQVKPGTLIVDDSGPHCFSVEQAIKRFQEREDILFSEGGMLRSPFPIKTTVHLLPSVEKIMNNAQK
EAVFNSNPFNIMGCAFSALLSSQFEQLEPTVGICDGEQSELHYQILQELEFEAGDLHCEHYVLPAKSIANFRQRFGKDL
;
_entity_poly.pdbx_strand_id   A,B
#
# COMPACT_ATOMS: atom_id res chain seq x y z
N GLU A 4 -10.47 -5.07 -24.66
CA GLU A 4 -9.67 -6.29 -24.70
C GLU A 4 -8.35 -6.12 -23.95
N TYR A 5 -7.49 -5.25 -24.46
CA TYR A 5 -6.20 -4.99 -23.86
C TYR A 5 -6.25 -4.00 -22.71
N VAL A 6 -7.37 -3.33 -22.50
CA VAL A 6 -7.57 -2.42 -21.37
C VAL A 6 -8.64 -3.02 -20.46
N GLN A 7 -8.35 -3.06 -19.17
CA GLN A 7 -9.28 -3.61 -18.18
C GLN A 7 -9.32 -2.67 -16.99
N PHE A 8 -10.53 -2.39 -16.51
CA PHE A 8 -10.69 -1.54 -15.34
C PHE A 8 -10.59 -2.37 -14.07
N GLU A 9 -10.27 -1.69 -12.97
CA GLU A 9 -10.14 -2.35 -11.67
C GLU A 9 -10.81 -1.50 -10.61
N SER A 10 -11.81 -2.09 -9.94
CA SER A 10 -12.56 -1.37 -8.92
C SER A 10 -11.77 -1.25 -7.61
N ARG A 11 -10.86 -2.18 -7.36
CA ARG A 11 -10.10 -2.23 -6.12
C ARG A 11 -8.79 -1.48 -6.28
N SER A 12 -8.25 -1.02 -5.15
CA SER A 12 -7.03 -0.23 -5.17
C SER A 12 -5.85 -1.06 -5.66
N LEU A 13 -5.07 -0.49 -6.58
CA LEU A 13 -3.90 -1.21 -7.09
C LEU A 13 -2.87 -1.41 -5.99
N LEU A 14 -2.71 -0.42 -5.11
CA LEU A 14 -1.76 -0.55 -4.00
C LEU A 14 -2.20 -1.64 -3.05
N SER A 15 -3.49 -1.65 -2.68
CA SER A 15 -4.00 -2.69 -1.79
C SER A 15 -3.88 -4.08 -2.43
N LEU A 16 -4.16 -4.18 -3.73
CA LEU A 16 -4.03 -5.46 -4.42
C LEU A 16 -2.57 -5.92 -4.46
N PHE A 17 -1.64 -4.98 -4.61
CA PHE A 17 -0.23 -5.34 -4.57
C PHE A 17 0.20 -5.81 -3.19
N THR A 18 -0.26 -5.12 -2.14
CA THR A 18 0.19 -5.45 -0.79
C THR A 18 -0.21 -6.86 -0.38
N VAL A 19 -1.29 -7.40 -0.95
CA VAL A 19 -1.74 -8.75 -0.64
C VAL A 19 -1.24 -9.77 -1.66
N GLY A 20 -0.33 -9.37 -2.54
CA GLY A 20 0.24 -10.30 -3.51
C GLY A 20 -0.66 -10.64 -4.67
N LYS A 21 -1.79 -9.95 -4.83
CA LYS A 21 -2.71 -10.28 -5.92
C LYS A 21 -2.25 -9.74 -7.27
N ILE A 22 -1.38 -8.74 -7.28
CA ILE A 22 -0.76 -8.29 -8.53
C ILE A 22 0.76 -8.28 -8.35
N PRO A 23 1.52 -8.67 -9.36
CA PRO A 23 2.98 -8.74 -9.22
C PRO A 23 3.61 -7.36 -9.17
N PRO A 24 4.84 -7.24 -8.68
CA PRO A 24 5.49 -5.93 -8.66
C PRO A 24 5.82 -5.43 -10.06
N VAL A 25 6.08 -4.13 -10.13
CA VAL A 25 6.41 -3.47 -11.39
C VAL A 25 7.92 -3.29 -11.48
N ASP A 26 8.39 -2.97 -12.68
CA ASP A 26 9.81 -2.74 -12.92
C ASP A 26 10.16 -1.26 -13.05
N ALA A 27 9.17 -0.39 -13.24
CA ALA A 27 9.42 1.03 -13.43
C ALA A 27 8.18 1.80 -13.03
N ALA A 28 8.30 3.13 -13.04
CA ALA A 28 7.18 3.98 -12.67
C ALA A 28 7.30 5.30 -13.43
N ALA A 29 6.16 5.98 -13.55
CA ALA A 29 6.09 7.29 -14.20
C ALA A 29 5.17 8.19 -13.40
N LEU A 30 5.62 9.42 -13.14
CA LEU A 30 4.85 10.37 -12.34
C LEU A 30 4.20 11.39 -13.25
N CYS A 31 2.88 11.54 -13.13
CA CYS A 31 2.11 12.51 -13.89
C CYS A 31 1.31 13.37 -12.93
N TYR A 32 0.55 14.31 -13.48
CA TYR A 32 -0.25 15.23 -12.68
C TYR A 32 -1.61 15.42 -13.34
N TRP A 33 -2.46 16.20 -12.70
CA TRP A 33 -3.81 16.44 -13.19
C TRP A 33 -3.82 17.71 -14.04
N GLY A 34 -5.01 18.17 -14.42
CA GLY A 34 -5.14 19.38 -15.21
C GLY A 34 -5.85 20.51 -14.49
N SER A 44 -13.93 22.38 -5.38
CA SER A 44 -13.31 23.69 -5.53
C SER A 44 -11.91 23.57 -6.11
N ARG A 45 -11.00 23.02 -5.30
CA ARG A 45 -9.59 22.84 -5.65
C ARG A 45 -8.88 22.23 -4.45
N ASP A 46 -8.76 23.00 -3.36
CA ASP A 46 -8.28 22.46 -2.10
C ASP A 46 -9.07 21.22 -1.71
N TYR A 47 -10.39 21.28 -1.85
CA TYR A 47 -11.22 20.10 -1.61
C TYR A 47 -10.78 18.94 -2.48
N MET A 48 -10.42 19.20 -3.74
CA MET A 48 -9.94 18.13 -4.61
C MET A 48 -8.56 17.64 -4.18
N ILE A 49 -7.76 18.49 -3.54
CA ILE A 49 -6.39 18.11 -3.19
C ILE A 49 -6.36 17.32 -1.88
N GLU A 50 -7.10 17.76 -0.87
CA GLU A 50 -7.05 17.16 0.45
C GLU A 50 -8.15 16.15 0.72
N ASN A 51 -9.32 16.30 0.09
CA ASN A 51 -10.41 15.36 0.32
C ASN A 51 -10.59 14.37 -0.82
N ILE A 52 -10.05 14.67 -2.00
CA ILE A 52 -10.10 13.77 -3.14
C ILE A 52 -8.71 13.16 -3.41
N PHE A 53 -7.71 14.02 -3.65
CA PHE A 53 -6.34 13.53 -3.78
C PHE A 53 -5.75 13.14 -2.42
N GLU A 54 -6.26 13.73 -1.34
CA GLU A 54 -5.84 13.44 0.03
C GLU A 54 -4.35 13.71 0.25
N ASN A 55 -3.78 14.64 -0.51
CA ASN A 55 -2.36 14.99 -0.41
C ASN A 55 -1.48 13.75 -0.58
N LEU A 56 -1.98 12.76 -1.30
CA LEU A 56 -1.30 11.48 -1.46
C LEU A 56 -1.19 11.12 -2.93
N PRO A 57 -0.09 10.50 -3.34
CA PRO A 57 0.00 9.99 -4.71
C PRO A 57 -1.01 8.89 -4.95
N PHE A 58 -1.35 8.69 -6.22
CA PHE A 58 -2.38 7.74 -6.62
C PHE A 58 -1.85 6.85 -7.73
N TRP A 59 -1.71 5.56 -7.44
CA TRP A 59 -1.33 4.57 -8.45
C TRP A 59 -2.56 4.24 -9.28
N THR A 60 -2.60 4.73 -10.52
CA THR A 60 -3.81 4.65 -11.33
C THR A 60 -3.74 3.64 -12.46
N MET A 61 -2.57 3.43 -13.08
CA MET A 61 -2.47 2.53 -14.23
C MET A 61 -1.25 1.65 -14.12
N ILE A 62 -1.34 0.48 -14.75
CA ILE A 62 -0.23 -0.44 -14.96
C ILE A 62 -0.12 -0.71 -16.45
N LYS A 63 1.08 -0.55 -17.00
CA LYS A 63 1.34 -0.79 -18.41
C LYS A 63 2.22 -2.03 -18.53
N GLN A 64 1.62 -3.14 -18.95
CA GLN A 64 2.34 -4.38 -19.17
C GLN A 64 2.80 -4.42 -20.62
N THR A 65 4.11 -4.26 -20.83
CA THR A 65 4.73 -4.36 -22.14
C THR A 65 5.44 -5.70 -22.26
N ASN A 66 6.05 -5.94 -23.41
CA ASN A 66 6.82 -7.16 -23.62
C ASN A 66 8.18 -7.12 -22.93
N TRP A 67 8.54 -6.02 -22.28
CA TRP A 67 9.84 -5.90 -21.63
C TRP A 67 9.73 -5.43 -20.17
N GLY A 68 8.55 -5.58 -19.56
CA GLY A 68 8.40 -5.18 -18.17
C GLY A 68 7.14 -4.39 -17.89
N ARG A 69 6.92 -4.07 -16.62
CA ARG A 69 5.72 -3.37 -16.18
C ARG A 69 6.10 -2.02 -15.58
N ILE A 70 5.43 -0.97 -16.03
CA ILE A 70 5.61 0.38 -15.50
C ILE A 70 4.31 0.80 -14.83
N ALA A 71 4.44 1.42 -13.66
CA ALA A 71 3.30 1.93 -12.91
C ALA A 71 3.12 3.41 -13.17
N ILE A 72 1.87 3.83 -13.37
CA ILE A 72 1.53 5.24 -13.57
C ILE A 72 1.01 5.77 -12.25
N ILE A 73 1.68 6.79 -11.71
CA ILE A 73 1.35 7.37 -10.42
C ILE A 73 1.14 8.86 -10.59
N ALA A 74 -0.05 9.33 -10.22
CA ALA A 74 -0.41 10.74 -10.33
C ALA A 74 -0.19 11.43 -8.98
N LEU A 75 0.51 12.56 -9.01
CA LEU A 75 0.75 13.35 -7.82
C LEU A 75 -0.50 14.12 -7.43
N PRO A 76 -0.64 14.49 -6.16
CA PRO A 76 -1.83 15.23 -5.72
C PRO A 76 -1.73 16.73 -5.99
N ARG A 77 -1.15 17.12 -7.11
CA ARG A 77 -0.97 18.53 -7.43
C ARG A 77 -1.34 18.78 -8.89
N PHE A 78 -1.55 20.06 -9.20
CA PHE A 78 -1.72 20.51 -10.58
C PHE A 78 -0.44 21.20 -11.05
N VAL A 79 -0.40 21.50 -12.35
CA VAL A 79 0.80 22.13 -12.93
C VAL A 79 1.08 23.47 -12.24
N SER A 80 0.02 24.23 -11.96
CA SER A 80 0.19 25.48 -11.23
C SER A 80 0.70 25.22 -9.82
N ASP A 81 0.21 24.16 -9.18
CA ASP A 81 0.71 23.80 -7.87
C ASP A 81 2.18 23.40 -7.92
N LEU A 82 2.65 22.88 -9.06
CA LEU A 82 4.05 22.53 -9.21
C LEU A 82 4.92 23.77 -9.39
N TYR A 83 4.46 24.72 -10.22
CA TYR A 83 5.21 25.95 -10.41
C TYR A 83 5.12 26.91 -9.23
N SER A 84 4.15 26.73 -8.35
CA SER A 84 3.97 27.65 -7.23
C SER A 84 5.09 27.51 -6.20
N ASN A 85 5.34 26.28 -5.73
CA ASN A 85 6.35 26.02 -4.71
C ASN A 85 7.19 24.82 -5.15
N GLN A 86 8.47 25.06 -5.41
CA GLN A 86 9.34 23.98 -5.87
C GLN A 86 9.62 22.98 -4.76
N ASP A 87 9.79 23.45 -3.52
CA ASP A 87 10.07 22.53 -2.42
C ASP A 87 8.90 21.60 -2.15
N ASP A 88 7.67 22.12 -2.21
CA ASP A 88 6.49 21.27 -2.03
C ASP A 88 6.39 20.22 -3.12
N ALA A 89 6.64 20.62 -4.37
CA ALA A 89 6.66 19.68 -5.48
C ALA A 89 7.71 18.60 -5.28
N VAL A 90 8.91 19.01 -4.86
CA VAL A 90 9.96 18.03 -4.59
C VAL A 90 9.53 17.07 -3.50
N GLN A 91 8.83 17.58 -2.48
CA GLN A 91 8.37 16.74 -1.39
C GLN A 91 7.38 15.69 -1.88
N VAL A 92 6.38 16.11 -2.65
CA VAL A 92 5.40 15.14 -3.15
C VAL A 92 6.06 14.16 -4.12
N ILE A 93 7.08 14.59 -4.85
CA ILE A 93 7.84 13.66 -5.69
C ILE A 93 8.57 12.64 -4.82
N ILE A 94 9.13 13.08 -3.70
CA ILE A 94 9.82 12.14 -2.80
C ILE A 94 8.84 11.11 -2.27
N GLU A 95 7.64 11.55 -1.89
CA GLU A 95 6.63 10.62 -1.39
C GLU A 95 6.22 9.61 -2.47
N ALA A 96 5.98 10.09 -3.69
CA ALA A 96 5.67 9.19 -4.79
C ALA A 96 6.82 8.25 -5.08
N LEU A 97 8.06 8.71 -4.91
CA LEU A 97 9.23 7.87 -5.12
C LEU A 97 9.29 6.75 -4.08
N GLU A 98 8.96 7.08 -2.82
CA GLU A 98 8.89 6.04 -1.80
C GLU A 98 7.84 5.00 -2.16
N MET A 99 6.67 5.46 -2.61
CA MET A 99 5.63 4.52 -3.05
C MET A 99 6.13 3.63 -4.19
N ALA A 100 6.77 4.23 -5.20
CA ALA A 100 7.25 3.47 -6.34
C ALA A 100 8.31 2.45 -5.94
N GLY A 101 9.25 2.86 -5.07
CA GLY A 101 10.25 1.92 -4.58
C GLY A 101 9.64 0.77 -3.81
N ILE A 102 8.61 1.06 -3.01
CA ILE A 102 7.93 -0.01 -2.27
C ILE A 102 7.26 -0.98 -3.24
N ILE A 103 6.61 -0.46 -4.29
CA ILE A 103 5.88 -1.34 -5.20
C ILE A 103 6.79 -2.01 -6.22
N GLY A 104 8.10 -1.76 -6.18
CA GLY A 104 9.05 -2.50 -6.98
C GLY A 104 9.75 -1.71 -8.07
N ALA A 105 9.39 -0.45 -8.29
CA ALA A 105 10.00 0.33 -9.35
C ALA A 105 11.48 0.59 -9.08
N LYS A 106 12.32 0.24 -10.05
CA LYS A 106 13.75 0.55 -9.97
C LYS A 106 14.10 1.88 -10.61
N PHE A 107 13.23 2.43 -11.46
CA PHE A 107 13.43 3.73 -12.06
C PHE A 107 12.08 4.44 -12.17
N VAL A 108 12.13 5.76 -12.06
CA VAL A 108 10.94 6.59 -12.04
C VAL A 108 11.15 7.74 -13.02
N SER A 109 10.22 7.91 -13.96
CA SER A 109 10.28 8.96 -14.94
C SER A 109 9.42 10.15 -14.51
N LEU A 110 9.87 11.34 -14.87
CA LEU A 110 9.15 12.57 -14.58
C LEU A 110 8.50 13.02 -15.88
N THR A 111 7.21 12.71 -16.04
CA THR A 111 6.50 13.01 -17.27
C THR A 111 6.05 14.47 -17.28
N GLY A 112 5.74 14.94 -18.49
CA GLY A 112 5.17 16.28 -18.63
C GLY A 112 6.17 17.36 -18.25
N LEU A 113 5.65 18.40 -17.59
CA LEU A 113 6.44 19.56 -17.22
C LEU A 113 7.09 19.42 -15.84
N ILE A 114 7.11 18.21 -15.27
CA ILE A 114 7.80 18.02 -13.99
C ILE A 114 9.29 18.31 -14.10
N PRO A 115 10.02 17.83 -15.11
CA PRO A 115 11.43 18.24 -15.23
C PRO A 115 11.60 19.74 -15.36
N SER A 116 10.88 20.38 -16.29
CA SER A 116 10.98 21.82 -16.46
C SER A 116 10.70 22.57 -15.16
N ALA A 117 9.87 22.02 -14.28
CA ALA A 117 9.54 22.68 -13.02
C ALA A 117 10.54 22.41 -11.91
N THR A 118 11.22 21.25 -11.93
CA THR A 118 12.08 20.87 -10.82
C THR A 118 13.56 20.79 -11.21
N ASP A 119 14.09 21.83 -11.85
CA ASP A 119 15.49 21.88 -12.26
CA ASP A 119 15.50 21.87 -12.25
C ASP A 119 15.88 20.61 -13.03
N TYR A 120 14.96 20.15 -13.88
CA TYR A 120 15.13 18.90 -14.63
C TYR A 120 15.57 17.77 -13.71
N GLY A 121 14.92 17.69 -12.55
CA GLY A 121 15.17 16.65 -11.58
C GLY A 121 16.28 16.95 -10.58
N LEU A 122 17.15 17.92 -10.88
CA LEU A 122 18.32 18.15 -10.04
C LEU A 122 17.91 18.48 -8.60
N ALA A 123 16.93 19.37 -8.44
CA ALA A 123 16.45 19.68 -7.09
C ALA A 123 16.00 18.43 -6.37
N ILE A 124 15.26 17.55 -7.07
CA ILE A 124 14.85 16.29 -6.47
C ILE A 124 16.06 15.51 -6.01
N THR A 125 17.09 15.43 -6.87
CA THR A 125 18.29 14.67 -6.52
C THR A 125 19.02 15.30 -5.34
N LYS A 126 18.76 16.57 -5.03
CA LYS A 126 19.29 17.13 -3.80
C LYS A 126 18.56 16.56 -2.59
N ALA A 127 17.23 16.52 -2.65
CA ALA A 127 16.45 16.02 -1.52
C ALA A 127 16.73 14.54 -1.26
N VAL A 128 17.10 13.79 -2.29
CA VAL A 128 17.43 12.38 -2.12
C VAL A 128 18.87 12.15 -1.73
N ALA A 129 19.65 13.22 -1.54
CA ALA A 129 21.05 13.06 -1.15
C ALA A 129 21.17 12.20 0.10
N ASN A 130 20.25 12.38 1.04
CA ASN A 130 20.22 11.53 2.24
C ASN A 130 19.88 10.09 1.89
N ARG A 131 18.91 9.86 1.01
CA ARG A 131 18.30 8.56 0.85
C ARG A 131 18.88 7.80 -0.33
N GLU A 132 19.20 6.52 -0.11
CA GLU A 132 19.59 5.61 -1.18
C GLU A 132 18.58 4.50 -1.41
N ASP A 133 17.62 4.33 -0.50
CA ASP A 133 16.57 3.32 -0.68
C ASP A 133 15.62 3.71 -1.80
N LEU A 134 15.46 5.01 -2.07
CA LEU A 134 14.50 5.45 -3.08
C LEU A 134 14.97 5.06 -4.47
N PRO A 135 14.04 4.86 -5.40
CA PRO A 135 14.42 4.52 -6.78
C PRO A 135 15.00 5.73 -7.50
N LYS A 136 15.76 5.43 -8.55
CA LYS A 136 16.42 6.47 -9.32
C LYS A 136 15.41 7.20 -10.21
N ILE A 137 15.69 8.48 -10.47
CA ILE A 137 14.80 9.31 -11.27
C ILE A 137 15.42 9.53 -12.64
N THR A 138 14.56 9.90 -13.58
CA THR A 138 15.00 10.21 -14.94
C THR A 138 14.00 11.15 -15.58
N THR A 139 14.52 12.14 -16.31
CA THR A 139 13.66 13.02 -17.09
C THR A 139 13.17 12.37 -18.36
N GLY A 140 13.85 11.33 -18.82
CA GLY A 140 13.43 10.62 -20.01
C GLY A 140 13.55 11.40 -21.31
N HIS A 141 14.35 12.47 -21.31
CA HIS A 141 14.44 13.31 -22.49
C HIS A 141 15.21 12.64 -23.63
N ARG A 142 16.08 11.68 -23.32
CA ARG A 142 16.82 11.01 -24.38
C ARG A 142 15.92 10.04 -25.14
N THR A 143 15.08 9.28 -24.44
CA THR A 143 14.10 8.45 -25.13
C THR A 143 13.04 9.28 -25.83
N THR A 144 12.70 10.44 -25.26
CA THR A 144 11.77 11.34 -25.94
C THR A 144 12.38 11.87 -27.23
N GLY A 145 13.67 12.20 -27.21
CA GLY A 145 14.33 12.65 -28.42
C GLY A 145 14.41 11.54 -29.46
N ALA A 146 14.70 10.32 -29.02
CA ALA A 146 14.67 9.18 -29.95
C ALA A 146 13.29 9.01 -30.54
N ALA A 147 12.25 9.19 -29.73
CA ALA A 147 10.89 9.10 -30.24
C ALA A 147 10.58 10.19 -31.26
N VAL A 148 11.07 11.41 -31.01
CA VAL A 148 10.83 12.50 -31.95
C VAL A 148 11.57 12.25 -33.26
N VAL A 149 12.77 11.65 -33.19
CA VAL A 149 13.49 11.33 -34.43
C VAL A 149 12.78 10.22 -35.18
N LEU A 150 12.26 9.22 -34.45
CA LEU A 150 11.43 8.19 -35.08
C LEU A 150 10.20 8.82 -35.74
N THR A 151 9.64 9.86 -35.11
CA THR A 151 8.48 10.53 -35.69
C THR A 151 8.87 11.30 -36.95
N ILE A 152 10.06 11.90 -36.95
CA ILE A 152 10.57 12.54 -38.17
C ILE A 152 10.64 11.51 -39.29
N LYS A 153 11.26 10.36 -39.01
CA LYS A 153 11.34 9.29 -39.99
C LYS A 153 9.96 8.88 -40.48
N LYS A 154 9.02 8.69 -39.56
CA LYS A 154 7.70 8.19 -39.92
C LYS A 154 6.91 9.22 -40.73
N ILE A 155 6.98 10.50 -40.35
CA ILE A 155 6.24 11.52 -41.09
C ILE A 155 6.87 11.75 -42.46
N CYS A 156 8.18 11.51 -42.59
CA CYS A 156 8.77 11.56 -43.92
C CYS A 156 8.31 10.37 -44.77
N GLU A 157 8.17 9.20 -44.15
CA GLU A 157 7.71 8.03 -44.89
C GLU A 157 6.25 8.18 -45.32
N GLN A 158 5.40 8.68 -44.42
CA GLN A 158 3.98 8.82 -44.73
C GLN A 158 3.74 9.90 -45.79
N GLY A 159 4.57 10.93 -45.82
CA GLY A 159 4.44 11.99 -46.80
C GLY A 159 5.13 11.74 -48.12
N GLY A 160 5.75 10.56 -48.30
CA GLY A 160 6.44 10.27 -49.54
C GLY A 160 7.63 11.15 -49.82
N ARG A 161 8.28 11.66 -48.77
CA ARG A 161 9.42 12.55 -48.92
C ARG A 161 10.65 11.94 -48.23
N ASP A 162 11.81 12.51 -48.53
CA ASP A 162 13.06 12.11 -47.91
C ASP A 162 13.67 13.31 -47.18
N LEU A 163 14.29 13.03 -46.04
CA LEU A 163 14.80 14.11 -45.20
C LEU A 163 15.93 14.89 -45.86
N SER A 164 16.64 14.30 -46.83
CA SER A 164 17.75 14.99 -47.47
C SER A 164 17.27 16.21 -48.26
N THR A 165 16.04 16.19 -48.75
CA THR A 165 15.49 17.27 -49.56
C THR A 165 14.56 18.19 -48.77
N GLU A 166 14.75 18.29 -47.46
CA GLU A 166 13.87 19.04 -46.59
C GLU A 166 14.59 20.22 -45.96
N LYS A 167 13.83 21.29 -45.71
CA LYS A 167 14.29 22.44 -44.96
C LYS A 167 13.71 22.32 -43.55
N VAL A 168 14.58 22.04 -42.57
CA VAL A 168 14.15 21.71 -41.22
C VAL A 168 14.26 22.95 -40.34
N GLY A 169 13.18 23.27 -39.63
CA GLY A 169 13.18 24.38 -38.71
C GLY A 169 12.83 24.00 -37.28
N PHE A 170 13.69 24.36 -36.34
CA PHE A 170 13.50 24.05 -34.92
C PHE A 170 12.96 25.28 -34.21
N ILE A 171 11.88 25.10 -33.46
CA ILE A 171 11.28 26.19 -32.70
C ILE A 171 11.62 26.14 -31.22
N GLY A 172 12.08 25.00 -30.72
CA GLY A 172 12.44 24.92 -29.32
C GLY A 172 13.71 24.13 -29.10
N LEU A 173 14.74 24.78 -28.57
CA LEU A 173 15.98 24.05 -28.33
C LEU A 173 16.23 23.91 -26.83
N GLY A 174 15.36 23.18 -26.15
CA GLY A 174 15.54 22.84 -24.76
C GLY A 174 16.33 21.55 -24.62
N SER A 175 16.00 20.79 -23.58
CA SER A 175 16.60 19.48 -23.41
C SER A 175 16.18 18.55 -24.54
N VAL A 176 14.88 18.50 -24.83
CA VAL A 176 14.37 17.60 -25.87
C VAL A 176 14.90 18.03 -27.24
N GLY A 177 14.93 19.34 -27.50
CA GLY A 177 15.45 19.80 -28.79
C GLY A 177 16.92 19.50 -28.96
N MET A 178 17.71 19.73 -27.91
CA MET A 178 19.13 19.40 -27.93
C MET A 178 19.38 17.90 -27.92
N ASN A 179 18.34 17.09 -27.70
CA ASN A 179 18.45 15.66 -27.90
C ASN A 179 18.02 15.22 -29.30
N VAL A 180 17.08 15.95 -29.91
CA VAL A 180 16.56 15.53 -31.21
C VAL A 180 17.50 15.97 -32.33
N LEU A 181 18.06 17.19 -32.24
CA LEU A 181 18.85 17.72 -33.35
C LEU A 181 20.08 16.86 -33.64
N PRO A 182 20.98 16.60 -32.69
CA PRO A 182 22.16 15.78 -33.04
C PRO A 182 21.79 14.37 -33.42
N LEU A 183 20.78 13.79 -32.76
CA LEU A 183 20.33 12.44 -33.13
C LEU A 183 19.77 12.42 -34.55
N MET A 184 19.06 13.48 -34.94
CA MET A 184 18.57 13.56 -36.32
C MET A 184 19.74 13.59 -37.29
N LEU A 185 20.74 14.43 -37.03
CA LEU A 185 21.88 14.47 -37.94
C LEU A 185 22.66 13.15 -37.94
N LYS A 186 22.66 12.43 -36.82
CA LYS A 186 23.49 11.23 -36.72
C LYS A 186 22.83 9.99 -37.32
N CYS A 187 21.53 9.81 -37.10
CA CYS A 187 20.85 8.59 -37.50
C CYS A 187 19.86 8.78 -38.65
N LEU A 188 19.87 9.93 -39.30
CA LEU A 188 18.99 10.18 -40.43
C LEU A 188 19.74 10.98 -41.49
N PRO A 189 19.30 10.91 -42.74
CA PRO A 189 19.94 11.71 -43.79
C PRO A 189 19.91 13.19 -43.46
N HIS A 190 21.05 13.85 -43.67
CA HIS A 190 21.15 15.27 -43.37
C HIS A 190 20.23 16.06 -44.29
N PRO A 191 19.43 16.99 -43.75
CA PRO A 191 18.66 17.88 -44.61
C PRO A 191 19.55 18.84 -45.37
N GLN A 192 18.94 19.75 -46.14
CA GLN A 192 19.70 20.76 -46.87
C GLN A 192 19.67 22.13 -46.21
N GLU A 193 18.93 22.29 -45.12
CA GLU A 193 18.85 23.57 -44.42
C GLU A 193 18.33 23.33 -43.02
N ILE A 194 18.88 24.06 -42.05
CA ILE A 194 18.48 23.93 -40.64
C ILE A 194 18.33 25.32 -40.06
N THR A 195 17.15 25.63 -39.53
CA THR A 195 16.86 26.90 -38.87
C THR A 195 16.62 26.65 -37.39
N LEU A 196 17.13 27.55 -36.54
CA LEU A 196 17.02 27.41 -35.09
C LEU A 196 16.31 28.63 -34.52
N CYS A 197 15.20 28.40 -33.82
CA CYS A 197 14.40 29.46 -33.23
C CYS A 197 14.25 29.25 -31.73
N ASP A 198 14.48 30.31 -30.97
CA ASP A 198 14.23 30.33 -29.53
C ASP A 198 14.09 31.79 -29.11
N VAL A 199 14.00 32.03 -27.80
CA VAL A 199 13.92 33.40 -27.32
C VAL A 199 15.23 34.13 -27.58
N TYR A 200 15.17 35.46 -27.54
CA TYR A 200 16.30 36.30 -27.95
C TYR A 200 17.56 35.95 -27.16
N SER A 201 17.43 35.80 -25.83
CA SER A 201 18.57 35.52 -24.97
C SER A 201 19.37 34.31 -25.42
N LYS A 202 18.72 33.30 -25.99
CA LYS A 202 19.38 32.09 -26.44
C LYS A 202 20.28 32.29 -27.65
N LEU A 203 20.46 33.53 -28.13
CA LEU A 203 21.24 33.76 -29.35
C LEU A 203 22.60 33.05 -29.31
N GLU A 204 23.43 33.41 -28.33
CA GLU A 204 24.74 32.75 -28.20
C GLU A 204 24.58 31.24 -28.12
N PHE A 205 23.60 30.76 -27.35
CA PHE A 205 23.34 29.33 -27.27
C PHE A 205 23.14 28.75 -28.65
N LEU A 206 22.29 29.38 -29.47
CA LEU A 206 22.06 28.88 -30.81
C LEU A 206 23.36 28.87 -31.61
N GLU A 207 24.14 29.95 -31.52
CA GLU A 207 25.39 29.99 -32.25
C GLU A 207 26.32 28.88 -31.80
N ASN A 208 26.30 28.54 -30.52
CA ASN A 208 27.09 27.41 -30.06
C ASN A 208 26.69 26.14 -30.81
N ILE A 209 25.39 25.87 -30.87
CA ILE A 209 24.91 24.72 -31.63
C ILE A 209 25.31 24.87 -33.08
N GLU A 210 25.27 26.11 -33.59
CA GLU A 210 25.68 26.35 -34.97
C GLU A 210 27.09 25.82 -35.20
N GLN A 211 28.01 26.18 -34.30
CA GLN A 211 29.36 25.62 -34.39
C GLN A 211 29.28 24.09 -34.33
N ASN A 212 28.62 23.56 -33.30
CA ASN A 212 28.45 22.12 -33.18
C ASN A 212 27.79 21.53 -34.41
N LEU A 213 26.92 22.30 -35.08
CA LEU A 213 26.28 21.81 -36.29
C LEU A 213 27.29 21.59 -37.40
N VAL A 214 28.15 22.59 -37.65
CA VAL A 214 29.02 22.50 -38.81
C VAL A 214 30.24 21.63 -38.53
N HIS A 215 30.78 21.72 -37.32
CA HIS A 215 32.06 21.09 -36.99
C HIS A 215 31.92 19.82 -36.17
N LYS A 216 31.05 19.80 -35.16
CA LYS A 216 30.90 18.60 -34.34
C LYS A 216 29.97 17.59 -34.99
N PHE A 217 28.74 17.99 -35.28
CA PHE A 217 27.77 17.05 -35.84
C PHE A 217 27.95 16.83 -37.34
N GLY A 218 28.66 17.73 -38.00
CA GLY A 218 29.02 17.51 -39.40
C GLY A 218 27.95 17.87 -40.40
N PHE A 219 27.20 18.94 -40.15
CA PHE A 219 26.18 19.40 -41.09
C PHE A 219 26.82 20.31 -42.13
N LYS A 220 26.48 20.07 -43.39
CA LYS A 220 27.07 20.82 -44.50
C LYS A 220 26.14 21.86 -45.10
N GLY A 221 24.83 21.70 -44.95
CA GLY A 221 23.88 22.64 -45.52
C GLY A 221 23.89 23.98 -44.81
N LYS A 222 22.97 24.83 -45.23
CA LYS A 222 22.86 26.18 -44.68
C LYS A 222 22.28 26.13 -43.26
N ILE A 223 22.79 27.01 -42.40
CA ILE A 223 22.35 27.14 -41.02
C ILE A 223 21.85 28.56 -40.81
N LYS A 224 20.59 28.69 -40.41
CA LYS A 224 19.99 29.99 -40.09
C LYS A 224 19.62 30.05 -38.61
N LEU A 225 19.68 31.26 -38.07
CA LEU A 225 19.26 31.54 -36.69
C LEU A 225 18.16 32.59 -36.70
N ALA A 226 17.19 32.44 -35.81
CA ALA A 226 16.05 33.35 -35.75
C ALA A 226 15.53 33.42 -34.31
N LEU A 227 15.16 34.61 -33.88
CA LEU A 227 14.69 34.87 -32.52
C LEU A 227 13.27 35.42 -32.56
N SER A 228 12.52 35.20 -31.48
CA SER A 228 11.14 35.63 -31.41
C SER A 228 10.70 35.76 -29.96
N LYS A 229 9.58 36.47 -29.77
CA LYS A 229 8.96 36.60 -28.46
C LYS A 229 7.81 35.60 -28.31
N THR A 230 6.74 35.81 -29.08
CA THR A 230 5.60 34.91 -29.08
C THR A 230 5.07 34.65 -30.49
N THR A 231 5.76 35.12 -31.53
CA THR A 231 5.37 34.92 -32.92
C THR A 231 6.58 34.38 -33.68
N VAL A 232 6.53 33.09 -34.03
CA VAL A 232 7.62 32.41 -34.72
C VAL A 232 8.03 33.19 -35.96
N PRO A 233 9.32 33.35 -36.22
CA PRO A 233 9.75 34.11 -37.41
C PRO A 233 9.36 33.39 -38.69
N GLN A 234 9.10 34.19 -39.73
CA GLN A 234 8.66 33.66 -41.03
C GLN A 234 9.65 32.66 -41.62
N GLU A 235 10.91 32.67 -41.18
CA GLU A 235 11.85 31.66 -41.65
C GLU A 235 11.34 30.25 -41.35
N ILE A 236 10.58 30.09 -40.27
CA ILE A 236 9.97 28.80 -39.97
C ILE A 236 8.87 28.51 -40.98
N TYR A 237 8.09 29.52 -41.34
CA TYR A 237 7.05 29.33 -42.35
C TYR A 237 7.62 29.08 -43.73
N ASP A 238 8.91 29.36 -43.94
CA ASP A 238 9.58 29.01 -45.19
C ASP A 238 10.23 27.63 -45.14
N SER A 239 10.24 26.97 -43.99
CA SER A 239 10.78 25.63 -43.87
C SER A 239 9.74 24.60 -44.33
N THR A 240 10.22 23.42 -44.69
CA THR A 240 9.36 22.34 -45.16
C THR A 240 9.08 21.28 -44.11
N LEU A 241 9.93 21.15 -43.09
CA LEU A 241 9.72 20.22 -41.98
C LEU A 241 9.98 20.95 -40.68
N ILE A 242 8.96 21.06 -39.85
CA ILE A 242 9.02 21.81 -38.60
C ILE A 242 9.13 20.85 -37.43
N VAL A 243 10.05 21.14 -36.50
CA VAL A 243 10.24 20.35 -35.28
C VAL A 243 10.02 21.28 -34.09
N GLY A 244 8.95 21.06 -33.35
CA GLY A 244 8.63 21.88 -32.20
C GLY A 244 8.94 21.17 -30.90
N ALA A 245 9.72 21.84 -30.04
CA ALA A 245 10.04 21.35 -28.71
C ALA A 245 10.02 22.53 -27.72
N THR A 246 8.99 23.36 -27.84
CA THR A 246 8.89 24.59 -27.06
C THR A 246 7.91 24.40 -25.90
N ASN A 247 8.21 25.04 -24.77
CA ASN A 247 7.30 25.02 -23.63
C ASN A 247 6.21 26.08 -23.73
N VAL A 248 6.48 27.17 -24.45
CA VAL A 248 5.42 28.15 -24.71
C VAL A 248 4.44 27.60 -25.76
N ALA A 249 3.22 28.12 -25.73
CA ALA A 249 2.12 27.57 -26.49
C ALA A 249 1.62 28.54 -27.56
N ASN A 250 1.18 27.96 -28.68
CA ASN A 250 0.45 28.69 -29.73
C ASN A 250 1.29 29.79 -30.37
N VAL A 251 2.58 29.51 -30.57
CA VAL A 251 3.45 30.46 -31.28
C VAL A 251 3.46 30.24 -32.78
N LEU A 252 2.95 29.12 -33.28
CA LEU A 252 2.99 28.78 -34.70
C LEU A 252 1.59 28.81 -35.28
N ASP A 253 1.38 29.67 -36.28
CA ASP A 253 0.11 29.74 -36.99
C ASP A 253 0.06 28.59 -37.98
N ILE A 254 -0.68 27.54 -37.63
CA ILE A 254 -0.78 26.37 -38.49
C ILE A 254 -1.46 26.72 -39.81
N MET A 255 -2.31 27.74 -39.81
CA MET A 255 -3.00 28.16 -41.03
C MET A 255 -2.12 29.00 -41.95
N GLN A 256 -0.94 29.40 -41.51
CA GLN A 256 -0.04 30.21 -42.31
C GLN A 256 1.12 29.42 -42.92
N VAL A 257 1.32 28.17 -42.49
CA VAL A 257 2.41 27.37 -43.05
C VAL A 257 2.10 27.02 -44.51
N LYS A 258 3.17 26.83 -45.29
CA LYS A 258 3.02 26.52 -46.69
C LYS A 258 2.36 25.15 -46.87
N PRO A 259 1.71 24.91 -48.01
CA PRO A 259 1.17 23.58 -48.28
C PRO A 259 2.28 22.55 -48.40
N GLY A 260 1.93 21.30 -48.11
CA GLY A 260 2.91 20.23 -48.15
C GLY A 260 3.89 20.21 -46.99
N THR A 261 3.63 20.98 -45.94
CA THR A 261 4.55 21.07 -44.81
C THR A 261 4.29 19.95 -43.82
N LEU A 262 5.37 19.35 -43.31
CA LEU A 262 5.31 18.34 -42.28
C LEU A 262 5.61 18.97 -40.93
N ILE A 263 4.81 18.61 -39.92
CA ILE A 263 4.94 19.16 -38.57
C ILE A 263 5.13 18.00 -37.60
N VAL A 264 6.16 18.09 -36.76
CA VAL A 264 6.38 17.15 -35.67
C VAL A 264 6.56 17.96 -34.40
N ASP A 265 5.75 17.68 -33.39
CA ASP A 265 5.76 18.47 -32.17
C ASP A 265 5.61 17.58 -30.96
N ASP A 266 6.52 17.73 -30.00
CA ASP A 266 6.44 17.06 -28.71
C ASP A 266 5.86 17.97 -27.62
N SER A 267 5.70 19.26 -27.90
CA SER A 267 5.24 20.21 -26.91
C SER A 267 3.90 19.80 -26.32
N GLY A 268 3.80 19.88 -24.99
CA GLY A 268 2.56 19.65 -24.29
C GLY A 268 2.44 20.58 -23.11
N PRO A 269 1.70 21.69 -23.27
CA PRO A 269 0.82 22.07 -24.39
C PRO A 269 1.53 22.34 -25.71
N HIS A 270 0.81 22.17 -26.83
CA HIS A 270 1.39 22.31 -28.16
C HIS A 270 1.68 23.77 -28.48
N CYS A 271 2.57 23.98 -29.44
CA CYS A 271 2.96 25.30 -29.90
C CYS A 271 2.12 25.82 -31.06
N PHE A 272 1.07 25.10 -31.46
CA PHE A 272 0.15 25.57 -32.48
C PHE A 272 -1.27 25.17 -32.10
N SER A 273 -2.23 25.89 -32.68
CA SER A 273 -3.64 25.61 -32.42
C SER A 273 -4.02 24.23 -32.93
N VAL A 274 -4.36 23.33 -32.00
CA VAL A 274 -4.69 21.95 -32.37
C VAL A 274 -5.91 21.92 -33.28
N GLU A 275 -6.97 22.64 -32.88
CA GLU A 275 -8.23 22.60 -33.63
C GLU A 275 -8.06 23.17 -35.02
N GLN A 276 -7.34 24.28 -35.16
CA GLN A 276 -7.10 24.85 -36.48
CA GLN A 276 -7.12 24.85 -36.49
C GLN A 276 -6.30 23.91 -37.37
N ALA A 277 -5.35 23.18 -36.78
CA ALA A 277 -4.57 22.21 -37.55
C ALA A 277 -5.46 21.07 -38.03
N ILE A 278 -6.29 20.54 -37.13
CA ILE A 278 -7.26 19.51 -37.52
C ILE A 278 -8.14 20.01 -38.65
N LYS A 279 -8.58 21.28 -38.55
CA LYS A 279 -9.52 21.82 -39.53
C LYS A 279 -8.87 22.01 -40.89
N ARG A 280 -7.65 22.56 -40.92
CA ARG A 280 -6.93 22.69 -42.18
C ARG A 280 -6.66 21.33 -42.81
N PHE A 281 -6.25 20.35 -41.99
CA PHE A 281 -5.97 19.02 -42.55
C PHE A 281 -7.23 18.37 -43.09
N GLN A 282 -8.36 18.56 -42.41
CA GLN A 282 -9.61 17.98 -42.89
C GLN A 282 -10.11 18.66 -44.16
N GLU A 283 -9.89 19.97 -44.29
CA GLU A 283 -10.41 20.68 -45.46
C GLU A 283 -9.53 20.48 -46.69
N ARG A 284 -8.21 20.70 -46.56
CA ARG A 284 -7.32 20.71 -47.71
C ARG A 284 -6.39 19.51 -47.79
N GLU A 285 -6.04 18.91 -46.66
CA GLU A 285 -5.16 17.74 -46.63
C GLU A 285 -3.79 18.05 -47.22
N ASP A 286 -3.30 19.26 -46.96
CA ASP A 286 -2.03 19.73 -47.50
C ASP A 286 -0.94 19.84 -46.44
N ILE A 287 -1.16 19.30 -45.24
CA ILE A 287 -0.17 19.30 -44.18
C ILE A 287 -0.15 17.94 -43.50
N LEU A 288 0.99 17.63 -42.87
CA LEU A 288 1.09 16.50 -41.97
C LEU A 288 1.57 16.98 -40.61
N PHE A 289 0.92 16.51 -39.56
CA PHE A 289 1.25 16.94 -38.20
C PHE A 289 0.97 15.78 -37.26
N SER A 290 1.83 15.63 -36.25
CA SER A 290 1.70 14.51 -35.33
C SER A 290 2.48 14.82 -34.05
N GLU A 291 2.14 14.09 -32.99
CA GLU A 291 2.91 14.13 -31.75
C GLU A 291 4.31 13.60 -32.01
N GLY A 292 5.25 14.01 -31.16
CA GLY A 292 6.63 13.61 -31.32
C GLY A 292 7.10 12.55 -30.34
N GLY A 293 6.54 12.56 -29.13
CA GLY A 293 6.98 11.68 -28.06
C GLY A 293 6.27 10.35 -27.95
N MET A 294 5.48 9.96 -28.94
CA MET A 294 4.72 8.73 -28.88
C MET A 294 5.47 7.61 -29.61
N LEU A 295 5.62 6.47 -28.94
CA LEU A 295 6.23 5.28 -29.50
C LEU A 295 5.16 4.21 -29.73
N ARG A 296 5.42 3.37 -30.72
CA ARG A 296 4.53 2.26 -31.07
C ARG A 296 5.26 0.94 -30.82
N SER A 297 4.87 0.25 -29.76
CA SER A 297 5.45 -1.05 -29.46
C SER A 297 5.05 -2.04 -30.55
N PRO A 298 5.93 -3.00 -30.88
CA PRO A 298 5.55 -4.03 -31.85
C PRO A 298 4.46 -4.96 -31.34
N PHE A 299 4.35 -5.13 -30.03
CA PHE A 299 3.33 -5.93 -29.40
C PHE A 299 2.36 -5.06 -28.62
N PRO A 300 1.09 -5.45 -28.53
CA PRO A 300 0.12 -4.62 -27.79
C PRO A 300 0.45 -4.60 -26.30
N ILE A 301 0.15 -3.47 -25.68
CA ILE A 301 0.40 -3.25 -24.25
C ILE A 301 -0.88 -3.50 -23.48
N LYS A 302 -0.80 -4.31 -22.43
CA LYS A 302 -1.96 -4.59 -21.57
C LYS A 302 -2.03 -3.51 -20.50
N THR A 303 -3.08 -2.70 -20.54
CA THR A 303 -3.20 -1.55 -19.65
C THR A 303 -4.26 -1.86 -18.61
N THR A 304 -3.83 -2.01 -17.35
CA THR A 304 -4.75 -2.10 -16.23
C THR A 304 -5.03 -0.70 -15.73
N VAL A 305 -6.31 -0.37 -15.57
CA VAL A 305 -6.74 0.99 -15.24
C VAL A 305 -7.56 0.93 -13.96
N HIS A 306 -7.17 1.74 -12.98
CA HIS A 306 -7.94 1.92 -11.75
C HIS A 306 -8.26 3.40 -11.61
N LEU A 307 -9.53 3.76 -11.76
CA LEU A 307 -9.93 5.14 -11.59
C LEU A 307 -10.16 5.44 -10.12
N LEU A 308 -9.92 6.69 -9.75
CA LEU A 308 -10.23 7.15 -8.41
C LEU A 308 -11.72 6.93 -8.14
N PRO A 309 -12.09 6.16 -7.12
CA PRO A 309 -13.52 5.88 -6.88
C PRO A 309 -14.39 7.11 -6.78
N SER A 310 -13.86 8.22 -6.25
CA SER A 310 -14.59 9.47 -6.23
C SER A 310 -14.90 9.96 -7.64
N VAL A 311 -13.85 10.13 -8.46
CA VAL A 311 -14.03 10.63 -9.82
C VAL A 311 -14.60 9.60 -10.77
N GLU A 312 -14.71 8.34 -10.34
CA GLU A 312 -15.41 7.33 -11.13
C GLU A 312 -16.84 7.77 -11.42
N LYS A 313 -17.46 8.54 -10.53
CA LYS A 313 -18.87 8.87 -10.72
C LYS A 313 -19.03 10.10 -11.59
N ILE A 314 -18.13 11.08 -11.47
CA ILE A 314 -18.17 12.24 -12.35
C ILE A 314 -17.61 11.94 -13.73
N MET A 315 -16.80 10.89 -13.85
CA MET A 315 -16.28 10.44 -15.14
C MET A 315 -16.96 9.17 -15.62
N ASN A 316 -18.13 8.85 -15.06
CA ASN A 316 -18.90 7.69 -15.51
C ASN A 316 -19.45 7.86 -16.92
N ASN A 317 -19.27 9.04 -17.52
CA ASN A 317 -19.63 9.24 -18.92
C ASN A 317 -18.98 8.18 -19.78
N ALA A 318 -19.80 7.44 -20.53
CA ALA A 318 -19.27 6.40 -21.41
C ALA A 318 -18.27 6.95 -22.41
N GLN A 319 -18.33 8.25 -22.70
CA GLN A 319 -17.32 8.87 -23.55
C GLN A 319 -15.99 9.02 -22.80
N LYS A 320 -16.06 9.39 -21.53
CA LYS A 320 -14.87 9.38 -20.69
C LYS A 320 -14.27 7.98 -20.55
N GLU A 321 -15.08 6.94 -20.75
CA GLU A 321 -14.56 5.58 -20.90
C GLU A 321 -14.07 5.38 -22.35
N ALA A 322 -13.21 6.31 -22.78
CA ALA A 322 -12.51 6.19 -24.05
C ALA A 322 -11.14 5.56 -23.92
N VAL A 323 -10.62 5.41 -22.69
CA VAL A 323 -9.36 4.71 -22.51
C VAL A 323 -9.50 3.26 -22.93
N PHE A 324 -10.73 2.74 -22.93
CA PHE A 324 -11.01 1.43 -23.48
C PHE A 324 -10.81 1.39 -24.99
N ASN A 325 -10.69 2.55 -25.64
CA ASN A 325 -10.49 2.62 -27.07
C ASN A 325 -9.14 3.21 -27.47
N SER A 326 -8.28 3.52 -26.51
CA SER A 326 -6.96 4.03 -26.84
C SER A 326 -6.15 2.97 -27.58
N ASN A 327 -5.11 3.41 -28.28
CA ASN A 327 -4.28 2.49 -29.05
C ASN A 327 -3.52 1.58 -28.10
N PRO A 328 -3.74 0.26 -28.15
CA PRO A 328 -2.98 -0.64 -27.26
C PRO A 328 -1.49 -0.73 -27.58
N PHE A 329 -1.04 -0.19 -28.71
CA PHE A 329 0.37 -0.24 -29.08
C PHE A 329 1.13 1.03 -28.70
N ASN A 330 0.45 2.10 -28.33
CA ASN A 330 1.09 3.39 -28.10
C ASN A 330 1.60 3.49 -26.66
N ILE A 331 2.68 4.24 -26.49
CA ILE A 331 3.27 4.47 -25.18
C ILE A 331 4.13 5.73 -25.25
N MET A 332 4.08 6.53 -24.18
CA MET A 332 4.90 7.73 -24.14
C MET A 332 6.38 7.37 -23.97
N GLY A 333 7.23 8.05 -24.74
CA GLY A 333 8.66 7.81 -24.62
C GLY A 333 9.22 8.23 -23.27
N CYS A 334 8.76 9.38 -22.76
CA CYS A 334 9.21 9.85 -21.45
C CYS A 334 8.86 8.85 -20.36
N ALA A 335 7.68 8.23 -20.45
CA ALA A 335 7.31 7.23 -19.46
C ALA A 335 8.03 5.91 -19.69
N PHE A 336 8.20 5.53 -20.95
CA PHE A 336 8.93 4.30 -21.29
C PHE A 336 10.41 4.39 -20.93
N SER A 337 10.91 5.60 -20.68
CA SER A 337 12.32 5.78 -20.31
C SER A 337 12.68 5.01 -19.05
N ALA A 338 11.79 5.02 -18.05
CA ALA A 338 12.09 4.31 -16.80
C ALA A 338 12.23 2.82 -17.04
N LEU A 339 11.31 2.24 -17.82
CA LEU A 339 11.40 0.82 -18.14
C LEU A 339 12.67 0.52 -18.94
N LEU A 340 13.03 1.41 -19.86
CA LEU A 340 14.24 1.20 -20.64
C LEU A 340 15.49 1.24 -19.76
N SER A 341 15.56 2.21 -18.85
CA SER A 341 16.71 2.30 -17.95
C SER A 341 16.75 1.12 -16.99
N SER A 342 15.58 0.52 -16.68
CA SER A 342 15.58 -0.64 -15.81
C SER A 342 16.01 -1.90 -16.55
N GLN A 343 15.64 -2.02 -17.83
CA GLN A 343 15.93 -3.23 -18.57
C GLN A 343 17.29 -3.21 -19.27
N PHE A 344 17.91 -2.05 -19.39
CA PHE A 344 19.18 -1.92 -20.12
C PHE A 344 20.09 -1.02 -19.30
N GLU A 345 21.17 -1.61 -18.77
CA GLU A 345 22.14 -0.86 -17.97
C GLU A 345 22.74 0.30 -18.74
N GLN A 346 22.95 0.14 -20.05
CA GLN A 346 23.62 1.16 -20.84
C GLN A 346 22.79 2.43 -21.00
N LEU A 347 21.47 2.34 -20.83
CA LEU A 347 20.61 3.52 -20.91
C LEU A 347 20.52 4.12 -19.52
N GLU A 348 21.52 4.94 -19.20
CA GLU A 348 21.60 5.55 -17.88
C GLU A 348 20.49 6.59 -17.72
N PRO A 349 20.00 6.78 -16.48
CA PRO A 349 18.95 7.77 -16.26
C PRO A 349 19.46 9.18 -16.47
N THR A 350 18.59 10.04 -17.00
CA THR A 350 18.92 11.40 -17.34
C THR A 350 18.29 12.35 -16.33
N VAL A 351 19.11 13.13 -15.64
CA VAL A 351 18.66 14.15 -14.71
C VAL A 351 19.47 15.41 -14.95
N GLY A 352 18.78 16.52 -15.18
CA GLY A 352 19.45 17.77 -15.48
C GLY A 352 19.73 17.93 -16.96
N ILE A 353 20.60 18.90 -17.24
CA ILE A 353 21.01 19.22 -18.61
C ILE A 353 22.16 18.30 -18.97
N CYS A 354 21.86 17.20 -19.65
CA CYS A 354 22.86 16.22 -20.05
C CYS A 354 23.36 16.55 -21.45
N ASP A 355 24.28 15.72 -21.95
CA ASP A 355 24.88 15.97 -23.26
C ASP A 355 23.84 15.90 -24.38
N GLY A 356 22.99 14.88 -24.35
CA GLY A 356 21.98 14.70 -25.37
C GLY A 356 22.43 13.95 -26.60
N GLU A 357 23.69 13.50 -26.65
CA GLU A 357 24.19 12.73 -27.77
C GLU A 357 24.02 11.23 -27.56
N GLN A 358 23.80 10.81 -26.31
CA GLN A 358 23.57 9.41 -25.99
C GLN A 358 22.14 8.97 -26.30
N SER A 359 21.29 9.89 -26.75
CA SER A 359 19.97 9.51 -27.24
C SER A 359 20.07 8.49 -28.37
N GLU A 360 21.19 8.49 -29.11
CA GLU A 360 21.39 7.46 -30.12
C GLU A 360 21.31 6.08 -29.51
N LEU A 361 21.93 5.89 -28.33
CA LEU A 361 21.86 4.61 -27.65
C LEU A 361 20.42 4.22 -27.37
N HIS A 362 19.56 5.20 -27.09
CA HIS A 362 18.14 4.91 -26.95
C HIS A 362 17.53 4.62 -28.32
N TYR A 363 17.81 5.48 -29.31
CA TYR A 363 17.33 5.27 -30.66
C TYR A 363 17.75 3.90 -31.19
N GLN A 364 18.99 3.50 -30.90
CA GLN A 364 19.43 2.16 -31.19
C GLN A 364 18.48 1.13 -30.58
N ILE A 365 18.34 1.16 -29.26
CA ILE A 365 17.57 0.14 -28.56
C ILE A 365 16.13 0.12 -29.03
N LEU A 366 15.52 1.30 -29.21
CA LEU A 366 14.16 1.35 -29.71
C LEU A 366 14.06 0.69 -31.08
N GLN A 367 15.05 0.93 -31.95
CA GLN A 367 15.05 0.24 -33.23
C GLN A 367 15.34 -1.24 -33.06
N GLU A 368 16.15 -1.60 -32.06
CA GLU A 368 16.50 -2.99 -31.83
C GLU A 368 15.27 -3.80 -31.42
N LEU A 369 14.41 -3.22 -30.60
CA LEU A 369 13.16 -3.86 -30.18
C LEU A 369 12.05 -3.70 -31.19
N GLU A 370 12.34 -3.18 -32.39
CA GLU A 370 11.36 -2.96 -33.44
C GLU A 370 10.28 -1.97 -33.01
N PHE A 371 10.68 -0.98 -32.24
CA PHE A 371 9.80 0.14 -31.92
C PHE A 371 9.78 1.11 -33.08
N GLU A 372 8.67 1.84 -33.20
CA GLU A 372 8.57 2.95 -34.14
C GLU A 372 7.71 4.02 -33.50
N ALA A 373 7.66 5.19 -34.14
CA ALA A 373 6.80 6.25 -33.66
C ALA A 373 5.33 5.85 -33.79
N GLY A 374 4.51 6.35 -32.88
CA GLY A 374 3.09 6.11 -32.99
C GLY A 374 2.53 6.66 -34.29
N ASP A 375 1.48 6.01 -34.77
CA ASP A 375 0.84 6.45 -36.01
C ASP A 375 0.46 7.93 -35.92
N LEU A 376 0.59 8.62 -37.05
CA LEU A 376 0.43 10.07 -37.08
C LEU A 376 -0.90 10.50 -36.47
N HIS A 377 -0.80 11.26 -35.38
CA HIS A 377 -1.96 11.68 -34.60
C HIS A 377 -1.55 12.87 -33.75
N CYS A 378 -2.53 13.70 -33.40
CA CYS A 378 -2.31 14.86 -32.56
C CYS A 378 -3.40 14.88 -31.48
N GLU A 379 -3.00 14.60 -30.24
CA GLU A 379 -3.91 14.53 -29.11
C GLU A 379 -5.05 13.57 -29.39
N HIS A 380 -6.28 14.08 -29.44
CA HIS A 380 -7.46 13.25 -29.66
C HIS A 380 -7.67 12.86 -31.11
N TYR A 381 -6.96 13.49 -32.06
CA TYR A 381 -7.23 13.33 -33.48
C TYR A 381 -6.17 12.46 -34.13
N VAL A 382 -6.60 11.32 -34.67
CA VAL A 382 -5.73 10.45 -35.46
C VAL A 382 -5.90 10.82 -36.94
N LEU A 383 -4.80 11.08 -37.62
CA LEU A 383 -4.85 11.43 -39.03
C LEU A 383 -5.32 10.23 -39.84
N PRO A 384 -6.40 10.35 -40.63
CA PRO A 384 -6.89 9.20 -41.39
C PRO A 384 -5.89 8.74 -42.45
N ALA A 385 -5.77 7.42 -42.58
CA ALA A 385 -4.78 6.85 -43.49
C ALA A 385 -5.02 7.29 -44.93
N LYS A 386 -6.29 7.40 -45.35
CA LYS A 386 -6.57 7.82 -46.72
C LYS A 386 -6.25 9.30 -46.92
N SER A 387 -6.49 10.13 -45.92
CA SER A 387 -6.04 11.51 -46.00
C SER A 387 -4.51 11.59 -46.06
N ILE A 388 -3.84 10.72 -45.30
CA ILE A 388 -2.39 10.62 -45.37
C ILE A 388 -1.94 10.27 -46.78
N ALA A 389 -2.64 9.32 -47.41
CA ALA A 389 -2.30 8.90 -48.77
C ALA A 389 -2.57 10.03 -49.78
N ASN A 390 -3.67 10.75 -49.61
CA ASN A 390 -3.97 11.88 -50.48
C ASN A 390 -2.86 12.92 -50.39
N PHE A 391 -2.42 13.24 -49.17
CA PHE A 391 -1.28 14.14 -49.00
C PHE A 391 -0.05 13.59 -49.71
N ARG A 392 0.24 12.31 -49.50
CA ARG A 392 1.45 11.70 -50.06
C ARG A 392 1.42 11.68 -51.58
N GLN A 393 0.22 11.64 -52.17
CA GLN A 393 0.09 11.70 -53.61
C GLN A 393 0.21 13.14 -54.13
N ARG A 394 -0.38 14.10 -53.41
CA ARG A 394 -0.34 15.49 -53.85
C ARG A 394 1.01 16.15 -53.61
N PHE A 395 1.80 15.67 -52.65
CA PHE A 395 3.03 16.35 -52.27
C PHE A 395 4.20 15.40 -52.06
N GLY A 396 4.17 14.22 -52.67
CA GLY A 396 5.30 13.32 -52.58
C GLY A 396 6.36 13.60 -53.63
N LYS A 397 7.54 13.03 -53.40
CA LYS A 397 8.69 13.24 -54.28
C LYS A 397 9.15 11.90 -54.83
N ASP A 398 9.47 11.88 -56.13
CA ASP A 398 9.91 10.66 -56.80
C ASP A 398 11.41 10.67 -57.02
N GLU B 4 -6.37 11.72 23.86
CA GLU B 4 -5.01 12.21 24.06
C GLU B 4 -3.99 11.22 23.49
N TYR B 5 -3.93 10.03 24.06
CA TYR B 5 -2.99 9.02 23.61
C TYR B 5 -3.48 8.26 22.39
N VAL B 6 -4.75 8.40 22.05
CA VAL B 6 -5.34 7.82 20.85
C VAL B 6 -5.79 8.96 19.96
N GLN B 7 -5.46 8.88 18.67
CA GLN B 7 -5.82 9.91 17.71
C GLN B 7 -6.31 9.27 16.41
N PHE B 8 -7.35 9.85 15.84
CA PHE B 8 -7.93 9.32 14.61
C PHE B 8 -7.13 9.77 13.39
N GLU B 9 -7.29 9.02 12.31
CA GLU B 9 -6.63 9.30 11.03
C GLU B 9 -7.63 9.11 9.91
N SER B 10 -7.85 10.16 9.12
CA SER B 10 -8.85 10.10 8.07
C SER B 10 -8.38 9.30 6.86
N ARG B 11 -7.09 9.29 6.58
CA ARG B 11 -6.56 8.58 5.42
C ARG B 11 -6.07 7.19 5.80
N SER B 12 -6.00 6.32 4.81
CA SER B 12 -5.64 4.93 5.04
C SER B 12 -4.20 4.82 5.55
N LEU B 13 -4.02 3.98 6.58
CA LEU B 13 -2.69 3.80 7.18
C LEU B 13 -1.73 3.16 6.19
N LEU B 14 -2.21 2.26 5.34
CA LEU B 14 -1.34 1.60 4.38
C LEU B 14 -0.75 2.60 3.39
N SER B 15 -1.59 3.47 2.84
CA SER B 15 -1.10 4.49 1.92
C SER B 15 -0.14 5.46 2.62
N LEU B 16 -0.45 5.81 3.87
CA LEU B 16 0.44 6.72 4.61
C LEU B 16 1.79 6.07 4.87
N PHE B 17 1.81 4.77 5.12
CA PHE B 17 3.09 4.06 5.26
C PHE B 17 3.84 4.02 3.94
N THR B 18 3.12 3.80 2.84
CA THR B 18 3.78 3.65 1.54
C THR B 18 4.53 4.92 1.15
N VAL B 19 4.09 6.08 1.63
CA VAL B 19 4.75 7.34 1.33
C VAL B 19 5.68 7.78 2.45
N GLY B 20 5.94 6.91 3.43
CA GLY B 20 6.87 7.22 4.50
C GLY B 20 6.35 8.16 5.56
N LYS B 21 5.06 8.48 5.56
CA LYS B 21 4.54 9.40 6.57
C LYS B 21 4.33 8.75 7.93
N ILE B 22 4.23 7.43 7.99
CA ILE B 22 4.22 6.71 9.27
C ILE B 22 5.29 5.62 9.21
N PRO B 23 6.00 5.36 10.30
CA PRO B 23 7.10 4.38 10.26
C PRO B 23 6.57 2.96 10.19
N PRO B 24 7.40 2.01 9.78
CA PRO B 24 6.95 0.61 9.74
C PRO B 24 6.72 0.06 11.14
N VAL B 25 5.98 -1.05 11.19
CA VAL B 25 5.66 -1.72 12.44
C VAL B 25 6.58 -2.92 12.61
N ASP B 26 6.58 -3.47 13.82
CA ASP B 26 7.40 -4.65 14.14
C ASP B 26 6.57 -5.93 14.26
N ALA B 27 5.25 -5.82 14.36
CA ALA B 27 4.40 -6.98 14.54
C ALA B 27 3.00 -6.65 14.04
N ALA B 28 2.14 -7.66 14.03
CA ALA B 28 0.78 -7.49 13.55
C ALA B 28 -0.15 -8.46 14.27
N ALA B 29 -1.43 -8.11 14.28
CA ALA B 29 -2.48 -8.95 14.87
C ALA B 29 -3.68 -8.93 13.94
N LEU B 30 -4.23 -10.12 13.67
CA LEU B 30 -5.33 -10.27 12.75
C LEU B 30 -6.62 -10.50 13.52
N CYS B 31 -7.63 -9.66 13.26
CA CYS B 31 -8.93 -9.74 13.90
C CYS B 31 -10.02 -9.78 12.83
N TYR B 32 -11.27 -9.80 13.29
CA TYR B 32 -12.43 -9.85 12.41
C TYR B 32 -13.48 -8.88 12.95
N TRP B 33 -14.60 -8.77 12.23
CA TRP B 33 -15.67 -7.84 12.56
C TRP B 33 -16.77 -8.47 13.41
N GLY B 34 -16.54 -9.62 14.00
CA GLY B 34 -17.55 -10.26 14.84
C GLY B 34 -18.59 -10.99 14.03
N GLU B 35 -19.85 -10.58 14.15
CA GLU B 35 -20.94 -11.21 13.41
C GLU B 35 -21.94 -10.17 12.91
N PHE B 41 -27.90 -2.49 7.50
CA PHE B 41 -28.36 -1.62 6.41
C PHE B 41 -27.98 -2.20 5.06
N ASP B 42 -27.17 -3.26 5.10
CA ASP B 42 -26.81 -4.02 3.91
C ASP B 42 -26.73 -5.49 4.31
N TRP B 43 -26.35 -6.34 3.35
CA TRP B 43 -26.17 -7.75 3.66
C TRP B 43 -24.93 -7.91 4.52
N SER B 44 -25.11 -8.39 5.74
CA SER B 44 -24.00 -8.59 6.67
C SER B 44 -22.93 -9.47 6.04
N ARG B 45 -23.24 -10.75 5.81
CA ARG B 45 -22.29 -11.71 5.29
C ARG B 45 -22.21 -11.73 3.76
N ASP B 46 -22.56 -10.64 3.07
CA ASP B 46 -22.34 -10.65 1.62
C ASP B 46 -21.94 -9.30 1.01
N TYR B 47 -22.80 -8.29 1.15
CA TYR B 47 -22.46 -6.97 0.59
C TYR B 47 -21.24 -6.39 1.29
N MET B 48 -21.14 -6.58 2.61
CA MET B 48 -20.03 -6.04 3.36
C MET B 48 -18.71 -6.70 2.96
N ILE B 49 -18.76 -7.93 2.47
CA ILE B 49 -17.55 -8.65 2.12
C ILE B 49 -17.04 -8.22 0.74
N GLU B 50 -17.95 -8.03 -0.22
CA GLU B 50 -17.54 -7.79 -1.60
C GLU B 50 -17.47 -6.31 -1.96
N ASN B 51 -18.35 -5.47 -1.41
CA ASN B 51 -18.36 -4.05 -1.74
C ASN B 51 -17.86 -3.14 -0.63
N ILE B 52 -17.80 -3.61 0.61
CA ILE B 52 -17.33 -2.80 1.72
C ILE B 52 -15.92 -3.20 2.14
N PHE B 53 -15.74 -4.47 2.52
CA PHE B 53 -14.40 -4.97 2.80
C PHE B 53 -13.60 -5.17 1.52
N GLU B 54 -14.28 -5.38 0.40
CA GLU B 54 -13.65 -5.58 -0.91
C GLU B 54 -12.77 -6.82 -0.92
N ASN B 55 -13.09 -7.80 -0.07
CA ASN B 55 -12.35 -9.05 0.04
C ASN B 55 -10.87 -8.82 0.32
N LEU B 56 -10.55 -7.69 0.97
CA LEU B 56 -9.18 -7.30 1.25
C LEU B 56 -9.02 -7.00 2.73
N PRO B 57 -7.85 -7.31 3.30
CA PRO B 57 -7.59 -6.93 4.69
C PRO B 57 -7.55 -5.42 4.84
N PHE B 58 -7.82 -4.96 6.07
CA PHE B 58 -7.91 -3.54 6.37
C PHE B 58 -7.04 -3.22 7.57
N TRP B 59 -5.99 -2.42 7.35
CA TRP B 59 -5.14 -1.97 8.43
C TRP B 59 -5.84 -0.83 9.15
N THR B 60 -6.34 -1.11 10.36
CA THR B 60 -7.21 -0.17 11.06
C THR B 60 -6.54 0.52 12.24
N MET B 61 -5.63 -0.13 12.95
CA MET B 61 -5.03 0.46 14.14
C MET B 61 -3.53 0.19 14.15
N ILE B 62 -2.80 1.11 14.79
CA ILE B 62 -1.39 0.97 15.08
C ILE B 62 -1.22 1.16 16.58
N LYS B 63 -0.54 0.21 17.23
CA LYS B 63 -0.28 0.28 18.66
C LYS B 63 1.23 0.46 18.87
N GLN B 64 1.63 1.68 19.21
CA GLN B 64 3.02 2.00 19.53
C GLN B 64 3.20 1.83 21.03
N THR B 65 3.95 0.80 21.41
CA THR B 65 4.31 0.54 22.79
C THR B 65 5.75 0.97 23.03
N ASN B 66 6.21 0.80 24.27
CA ASN B 66 7.60 1.08 24.59
C ASN B 66 8.55 0.01 24.09
N TRP B 67 8.02 -1.05 23.45
CA TRP B 67 8.84 -2.17 22.99
C TRP B 67 8.57 -2.49 21.52
N GLY B 68 8.00 -1.55 20.76
CA GLY B 68 7.74 -1.78 19.37
C GLY B 68 6.36 -1.32 18.92
N ARG B 69 6.08 -1.45 17.63
CA ARG B 69 4.82 -1.01 17.04
C ARG B 69 4.09 -2.21 16.48
N ILE B 70 2.81 -2.33 16.83
CA ILE B 70 1.96 -3.44 16.36
C ILE B 70 0.88 -2.88 15.46
N ALA B 71 0.65 -3.55 14.34
CA ALA B 71 -0.41 -3.19 13.41
C ALA B 71 -1.61 -4.08 13.62
N ILE B 72 -2.80 -3.48 13.65
CA ILE B 72 -4.06 -4.21 13.77
C ILE B 72 -4.69 -4.28 12.38
N ILE B 73 -4.91 -5.50 11.90
CA ILE B 73 -5.42 -5.75 10.56
C ILE B 73 -6.67 -6.62 10.68
N ALA B 74 -7.78 -6.12 10.13
CA ALA B 74 -9.05 -6.83 10.15
C ALA B 74 -9.26 -7.56 8.84
N LEU B 75 -9.58 -8.85 8.92
CA LEU B 75 -9.86 -9.66 7.75
C LEU B 75 -11.25 -9.35 7.20
N PRO B 76 -11.47 -9.62 5.91
CA PRO B 76 -12.80 -9.34 5.32
C PRO B 76 -13.81 -10.45 5.58
N ARG B 77 -13.79 -11.02 6.79
CA ARG B 77 -14.70 -12.10 7.16
C ARG B 77 -15.23 -11.87 8.56
N PHE B 78 -16.28 -12.60 8.88
CA PHE B 78 -16.83 -12.67 10.23
C PHE B 78 -16.42 -13.98 10.89
N VAL B 79 -16.72 -14.09 12.19
CA VAL B 79 -16.33 -15.29 12.94
C VAL B 79 -16.99 -16.53 12.36
N SER B 80 -18.25 -16.42 11.93
CA SER B 80 -18.93 -17.55 11.30
C SER B 80 -18.26 -17.93 9.98
N ASP B 81 -17.80 -16.93 9.22
CA ASP B 81 -17.12 -17.20 7.96
C ASP B 81 -15.86 -18.04 8.16
N LEU B 82 -15.24 -17.94 9.34
CA LEU B 82 -14.04 -18.72 9.60
C LEU B 82 -14.38 -20.19 9.83
N TYR B 83 -15.43 -20.47 10.58
CA TYR B 83 -15.84 -21.85 10.83
C TYR B 83 -16.55 -22.46 9.63
N SER B 84 -17.06 -21.64 8.71
CA SER B 84 -17.79 -22.17 7.56
C SER B 84 -16.84 -22.82 6.56
N ASN B 85 -15.79 -22.12 6.17
CA ASN B 85 -14.82 -22.63 5.20
C ASN B 85 -13.42 -22.34 5.72
N GLN B 86 -12.69 -23.40 6.06
CA GLN B 86 -11.34 -23.23 6.60
C GLN B 86 -10.37 -22.77 5.53
N ASP B 87 -10.51 -23.30 4.30
CA ASP B 87 -9.60 -22.93 3.22
C ASP B 87 -9.72 -21.45 2.85
N ASP B 88 -10.95 -20.92 2.83
CA ASP B 88 -11.14 -19.49 2.56
C ASP B 88 -10.50 -18.64 3.66
N ALA B 89 -10.67 -19.05 4.92
CA ALA B 89 -10.01 -18.34 6.01
C ALA B 89 -8.50 -18.36 5.84
N VAL B 90 -7.94 -19.53 5.50
CA VAL B 90 -6.49 -19.62 5.29
C VAL B 90 -6.05 -18.71 4.14
N GLN B 91 -6.84 -18.64 3.08
CA GLN B 91 -6.47 -17.80 1.94
C GLN B 91 -6.43 -16.32 2.33
N VAL B 92 -7.49 -15.84 2.98
CA VAL B 92 -7.50 -14.43 3.39
C VAL B 92 -6.43 -14.17 4.44
N ILE B 93 -6.11 -15.19 5.26
CA ILE B 93 -5.03 -15.06 6.22
C ILE B 93 -3.69 -14.89 5.51
N ILE B 94 -3.48 -15.64 4.43
CA ILE B 94 -2.25 -15.51 3.65
C ILE B 94 -2.15 -14.12 3.05
N GLU B 95 -3.25 -13.59 2.54
CA GLU B 95 -3.23 -12.23 1.98
C GLU B 95 -2.89 -11.21 3.05
N ALA B 96 -3.53 -11.30 4.22
CA ALA B 96 -3.20 -10.40 5.32
C ALA B 96 -1.77 -10.56 5.79
N LEU B 97 -1.23 -11.79 5.74
CA LEU B 97 0.16 -12.02 6.12
C LEU B 97 1.11 -11.36 5.15
N GLU B 98 0.79 -11.41 3.85
CA GLU B 98 1.60 -10.70 2.86
C GLU B 98 1.58 -9.20 3.12
N MET B 99 0.40 -8.65 3.40
CA MET B 99 0.31 -7.22 3.73
C MET B 99 1.16 -6.89 4.95
N ALA B 100 1.05 -7.70 6.01
CA ALA B 100 1.80 -7.47 7.23
C ALA B 100 3.30 -7.53 6.99
N GLY B 101 3.75 -8.51 6.20
CA GLY B 101 5.16 -8.57 5.85
C GLY B 101 5.61 -7.36 5.06
N ILE B 102 4.73 -6.83 4.20
CA ILE B 102 5.06 -5.62 3.45
C ILE B 102 5.24 -4.45 4.40
N ILE B 103 4.35 -4.31 5.38
CA ILE B 103 4.40 -3.14 6.27
C ILE B 103 5.42 -3.28 7.39
N GLY B 104 6.15 -4.39 7.45
CA GLY B 104 7.26 -4.53 8.37
C GLY B 104 7.09 -5.54 9.48
N ALA B 105 5.92 -6.17 9.60
CA ALA B 105 5.70 -7.11 10.68
C ALA B 105 6.58 -8.33 10.54
N LYS B 106 7.32 -8.66 11.60
CA LYS B 106 8.14 -9.86 11.62
C LYS B 106 7.40 -11.06 12.18
N PHE B 107 6.33 -10.83 12.95
CA PHE B 107 5.51 -11.90 13.50
C PHE B 107 4.07 -11.41 13.53
N VAL B 108 3.13 -12.35 13.34
CA VAL B 108 1.72 -12.01 13.24
C VAL B 108 0.92 -12.93 14.15
N SER B 109 0.10 -12.34 15.02
CA SER B 109 -0.73 -13.07 15.95
C SER B 109 -2.15 -13.22 15.41
N LEU B 110 -2.78 -14.34 15.74
CA LEU B 110 -4.15 -14.64 15.34
C LEU B 110 -5.08 -14.41 16.53
N THR B 111 -5.76 -13.27 16.54
CA THR B 111 -6.61 -12.92 17.66
C THR B 111 -7.95 -13.65 17.59
N GLY B 112 -8.63 -13.69 18.72
CA GLY B 112 -9.97 -14.25 18.77
C GLY B 112 -10.00 -15.74 18.50
N LEU B 113 -11.04 -16.17 17.79
CA LEU B 113 -11.28 -17.58 17.49
C LEU B 113 -10.60 -18.01 16.19
N ILE B 114 -9.66 -17.22 15.68
CA ILE B 114 -8.93 -17.61 14.47
C ILE B 114 -8.15 -18.90 14.66
N PRO B 115 -7.41 -19.12 15.77
CA PRO B 115 -6.76 -20.43 15.93
C PRO B 115 -7.72 -21.60 15.90
N SER B 116 -8.79 -21.56 16.70
CA SER B 116 -9.78 -22.62 16.68
C SER B 116 -10.34 -22.87 15.28
N ALA B 117 -10.35 -21.83 14.44
CA ALA B 117 -10.88 -21.97 13.09
C ALA B 117 -9.85 -22.54 12.13
N THR B 118 -8.56 -22.36 12.41
CA THR B 118 -7.49 -22.77 11.50
C THR B 118 -6.65 -23.89 12.09
N ASP B 119 -7.25 -24.72 12.96
CA ASP B 119 -6.54 -25.78 13.67
C ASP B 119 -5.32 -25.22 14.40
N TYR B 120 -5.49 -24.03 14.98
CA TYR B 120 -4.46 -23.36 15.77
C TYR B 120 -3.21 -23.08 14.93
N GLY B 121 -3.43 -22.57 13.72
CA GLY B 121 -2.35 -22.17 12.85
C GLY B 121 -1.77 -23.27 11.97
N LEU B 122 -2.03 -24.53 12.29
CA LEU B 122 -1.38 -25.63 11.58
C LEU B 122 -1.70 -25.61 10.10
N ALA B 123 -2.97 -25.41 9.73
CA ALA B 123 -3.33 -25.32 8.32
C ALA B 123 -2.60 -24.18 7.63
N ILE B 124 -2.56 -23.02 8.26
CA ILE B 124 -1.86 -21.86 7.70
C ILE B 124 -0.39 -22.18 7.50
N THR B 125 0.27 -22.71 8.53
CA THR B 125 1.69 -23.01 8.41
C THR B 125 1.95 -24.15 7.43
N LYS B 126 0.94 -24.97 7.14
CA LYS B 126 1.08 -25.95 6.08
C LYS B 126 1.04 -25.28 4.71
N ALA B 127 0.11 -24.34 4.52
CA ALA B 127 0.01 -23.66 3.23
C ALA B 127 1.24 -22.80 2.94
N VAL B 128 1.91 -22.30 3.98
CA VAL B 128 3.10 -21.47 3.80
C VAL B 128 4.39 -22.26 3.75
N ALA B 129 4.33 -23.60 3.80
CA ALA B 129 5.54 -24.41 3.79
C ALA B 129 6.44 -24.05 2.62
N ASN B 130 5.86 -23.76 1.46
CA ASN B 130 6.65 -23.28 0.32
C ASN B 130 7.27 -21.91 0.60
N ARG B 131 6.53 -21.04 1.27
CA ARG B 131 6.84 -19.61 1.32
C ARG B 131 7.65 -19.27 2.56
N GLU B 132 8.74 -18.53 2.38
CA GLU B 132 9.49 -17.95 3.48
C GLU B 132 9.46 -16.44 3.51
N ASP B 133 8.96 -15.80 2.45
CA ASP B 133 8.85 -14.34 2.46
C ASP B 133 7.83 -13.86 3.48
N LEU B 134 6.82 -14.67 3.77
CA LEU B 134 5.80 -14.28 4.72
C LEU B 134 6.37 -14.30 6.14
N PRO B 135 5.87 -13.45 7.02
CA PRO B 135 6.30 -13.49 8.42
C PRO B 135 5.67 -14.67 9.15
N LYS B 136 6.31 -15.07 10.25
CA LYS B 136 5.83 -16.21 11.01
C LYS B 136 4.57 -15.85 11.79
N ILE B 137 3.73 -16.86 12.02
CA ILE B 137 2.47 -16.68 12.72
C ILE B 137 2.60 -17.26 14.12
N THR B 138 1.69 -16.84 15.00
CA THR B 138 1.64 -17.33 16.37
C THR B 138 0.23 -17.21 16.89
N THR B 139 -0.21 -18.23 17.65
CA THR B 139 -1.51 -18.16 18.31
C THR B 139 -1.49 -17.29 19.55
N GLY B 140 -0.30 -17.03 20.13
CA GLY B 140 -0.19 -16.18 21.28
C GLY B 140 -0.82 -16.72 22.55
N HIS B 141 -1.06 -18.03 22.63
CA HIS B 141 -1.76 -18.60 23.78
C HIS B 141 -0.91 -18.61 25.03
N ARG B 142 0.42 -18.59 24.90
CA ARG B 142 1.28 -18.63 26.09
C ARG B 142 1.27 -17.29 26.81
N THR B 143 1.33 -16.17 26.07
CA THR B 143 1.18 -14.87 26.71
C THR B 143 -0.22 -14.67 27.24
N THR B 144 -1.22 -15.25 26.58
CA THR B 144 -2.59 -15.20 27.10
C THR B 144 -2.69 -15.94 28.43
N GLY B 145 -2.03 -17.10 28.53
CA GLY B 145 -2.02 -17.82 29.79
C GLY B 145 -1.29 -17.07 30.88
N ALA B 146 -0.16 -16.44 30.53
CA ALA B 146 0.53 -15.58 31.50
C ALA B 146 -0.36 -14.44 31.95
N ALA B 147 -1.13 -13.86 31.03
CA ALA B 147 -2.06 -12.80 31.38
C ALA B 147 -3.15 -13.32 32.32
N VAL B 148 -3.65 -14.53 32.08
CA VAL B 148 -4.68 -15.09 32.95
C VAL B 148 -4.12 -15.35 34.34
N VAL B 149 -2.86 -15.79 34.43
CA VAL B 149 -2.26 -15.99 35.75
C VAL B 149 -2.04 -14.66 36.46
N LEU B 150 -1.61 -13.64 35.72
CA LEU B 150 -1.52 -12.30 36.28
C LEU B 150 -2.88 -11.81 36.75
N THR B 151 -3.94 -12.16 36.03
CA THR B 151 -5.28 -11.76 36.43
C THR B 151 -5.72 -12.49 37.69
N ILE B 152 -5.34 -13.76 37.83
CA ILE B 152 -5.60 -14.49 39.07
C ILE B 152 -4.93 -13.78 40.24
N LYS B 153 -3.64 -13.45 40.09
CA LYS B 153 -2.91 -12.73 41.13
C LYS B 153 -3.59 -11.41 41.45
N LYS B 154 -3.98 -10.65 40.42
CA LYS B 154 -4.55 -9.33 40.63
C LYS B 154 -5.91 -9.40 41.30
N ILE B 155 -6.76 -10.35 40.88
CA ILE B 155 -8.08 -10.47 41.49
C ILE B 155 -7.96 -10.98 42.92
N CYS B 156 -6.92 -11.74 43.23
CA CYS B 156 -6.69 -12.14 44.61
C CYS B 156 -6.25 -10.95 45.45
N GLU B 157 -5.39 -10.10 44.91
CA GLU B 157 -4.94 -8.93 45.67
C GLU B 157 -6.05 -7.91 45.85
N GLN B 158 -6.83 -7.64 44.80
CA GLN B 158 -7.91 -6.66 44.91
C GLN B 158 -9.02 -7.12 45.84
N GLY B 159 -9.25 -8.43 45.92
CA GLY B 159 -10.24 -8.98 46.81
C GLY B 159 -9.78 -9.20 48.23
N GLY B 160 -8.54 -8.84 48.55
CA GLY B 160 -8.01 -9.03 49.89
C GLY B 160 -7.86 -10.49 50.28
N ARG B 161 -7.65 -11.37 49.31
CA ARG B 161 -7.50 -12.79 49.55
C ARG B 161 -6.14 -13.26 49.03
N ASP B 162 -5.76 -14.46 49.45
CA ASP B 162 -4.54 -15.11 48.99
C ASP B 162 -4.91 -16.42 48.32
N LEU B 163 -4.18 -16.76 47.24
CA LEU B 163 -4.51 -17.95 46.47
C LEU B 163 -4.33 -19.22 47.27
N SER B 164 -3.48 -19.20 48.31
CA SER B 164 -3.26 -20.40 49.11
C SER B 164 -4.52 -20.81 49.87
N THR B 165 -5.39 -19.85 50.19
CA THR B 165 -6.61 -20.12 50.94
C THR B 165 -7.85 -20.18 50.05
N GLU B 166 -7.67 -20.49 48.76
CA GLU B 166 -8.75 -20.49 47.80
C GLU B 166 -8.98 -21.90 47.27
N LYS B 167 -10.23 -22.20 46.92
CA LYS B 167 -10.60 -23.42 46.23
C LYS B 167 -10.84 -23.06 44.78
N VAL B 168 -9.95 -23.49 43.89
CA VAL B 168 -9.96 -23.08 42.49
C VAL B 168 -10.58 -24.19 41.66
N GLY B 169 -11.52 -23.80 40.81
CA GLY B 169 -12.14 -24.71 39.86
C GLY B 169 -11.95 -24.25 38.43
N PHE B 170 -11.43 -25.14 37.59
CA PHE B 170 -11.16 -24.82 36.19
C PHE B 170 -12.25 -25.39 35.30
N ILE B 171 -12.82 -24.54 34.45
CA ILE B 171 -13.83 -24.93 33.48
C ILE B 171 -13.16 -24.94 32.11
N GLY B 172 -13.03 -26.12 31.51
CA GLY B 172 -12.43 -26.25 30.20
C GLY B 172 -10.93 -26.06 30.20
N LEU B 173 -10.21 -27.12 29.85
CA LEU B 173 -8.74 -27.12 29.80
C LEU B 173 -8.29 -27.27 28.35
N GLY B 174 -8.49 -26.21 27.57
CA GLY B 174 -8.04 -26.18 26.20
C GLY B 174 -6.59 -25.78 26.08
N SER B 175 -6.27 -25.09 24.99
CA SER B 175 -4.89 -24.61 24.80
C SER B 175 -4.51 -23.60 25.88
N VAL B 176 -5.36 -22.61 26.13
CA VAL B 176 -5.03 -21.58 27.12
C VAL B 176 -5.02 -22.18 28.54
N GLY B 177 -5.96 -23.07 28.84
CA GLY B 177 -6.02 -23.64 30.18
C GLY B 177 -4.80 -24.47 30.53
N MET B 178 -4.34 -25.28 29.58
CA MET B 178 -3.12 -26.07 29.79
C MET B 178 -1.88 -25.19 29.88
N ASN B 179 -1.99 -23.91 29.57
CA ASN B 179 -0.93 -22.95 29.84
C ASN B 179 -1.14 -22.24 31.19
N VAL B 180 -2.39 -22.10 31.63
CA VAL B 180 -2.66 -21.36 32.85
C VAL B 180 -2.41 -22.22 34.09
N LEU B 181 -2.83 -23.49 34.07
CA LEU B 181 -2.74 -24.30 35.28
C LEU B 181 -1.31 -24.51 35.77
N PRO B 182 -0.37 -25.02 34.96
CA PRO B 182 0.99 -25.21 35.50
C PRO B 182 1.68 -23.90 35.86
N LEU B 183 1.47 -22.86 35.04
CA LEU B 183 2.07 -21.56 35.35
C LEU B 183 1.50 -21.00 36.65
N MET B 184 0.20 -21.21 36.89
CA MET B 184 -0.40 -20.78 38.14
C MET B 184 0.22 -21.51 39.32
N LEU B 185 0.35 -22.84 39.22
CA LEU B 185 0.95 -23.58 40.32
C LEU B 185 2.41 -23.19 40.54
N LYS B 186 3.11 -22.81 39.49
CA LYS B 186 4.54 -22.55 39.61
C LYS B 186 4.84 -21.13 40.12
N CYS B 187 4.08 -20.13 39.66
CA CYS B 187 4.40 -18.73 39.95
C CYS B 187 3.41 -18.08 40.92
N LEU B 188 2.55 -18.86 41.55
CA LEU B 188 1.60 -18.35 42.52
C LEU B 188 1.49 -19.36 43.66
N PRO B 189 1.05 -18.93 44.84
CA PRO B 189 0.88 -19.86 45.95
C PRO B 189 -0.11 -20.96 45.60
N HIS B 190 0.26 -22.19 45.91
CA HIS B 190 -0.60 -23.34 45.64
C HIS B 190 -1.88 -23.25 46.45
N PRO B 191 -3.05 -23.42 45.84
CA PRO B 191 -4.28 -23.55 46.63
C PRO B 191 -4.30 -24.86 47.39
N GLN B 192 -5.40 -25.14 48.10
CA GLN B 192 -5.54 -26.41 48.80
C GLN B 192 -6.47 -27.36 48.08
N GLU B 193 -7.06 -26.93 46.97
CA GLU B 193 -8.02 -27.77 46.26
C GLU B 193 -8.11 -27.27 44.83
N ILE B 194 -8.21 -28.22 43.89
CA ILE B 194 -8.28 -27.91 42.48
C ILE B 194 -9.37 -28.80 41.86
N THR B 195 -10.35 -28.17 41.21
CA THR B 195 -11.40 -28.88 40.51
C THR B 195 -11.22 -28.69 39.01
N LEU B 196 -11.45 -29.76 38.26
CA LEU B 196 -11.26 -29.77 36.81
C LEU B 196 -12.58 -30.14 36.16
N CYS B 197 -13.10 -29.25 35.31
CA CYS B 197 -14.38 -29.43 34.65
C CYS B 197 -14.20 -29.39 33.15
N ASP B 198 -14.79 -30.36 32.47
CA ASP B 198 -14.84 -30.39 31.01
C ASP B 198 -16.01 -31.30 30.62
N VAL B 199 -16.16 -31.56 29.32
CA VAL B 199 -17.25 -32.44 28.90
C VAL B 199 -16.98 -33.87 29.37
N TYR B 200 -18.06 -34.66 29.44
CA TYR B 200 -17.95 -36.02 29.95
C TYR B 200 -16.94 -36.85 29.17
N SER B 201 -16.94 -36.74 27.84
CA SER B 201 -15.99 -37.52 27.04
C SER B 201 -14.56 -37.28 27.52
N LYS B 202 -14.24 -36.04 27.87
CA LYS B 202 -12.93 -35.73 28.45
C LYS B 202 -12.90 -36.18 29.90
N LEU B 203 -12.02 -37.13 30.21
CA LEU B 203 -11.90 -37.66 31.56
C LEU B 203 -10.48 -38.19 31.72
N GLU B 204 -10.10 -39.14 30.87
CA GLU B 204 -8.71 -39.61 30.84
C GLU B 204 -7.76 -38.43 30.71
N PHE B 205 -8.13 -37.46 29.86
CA PHE B 205 -7.40 -36.19 29.80
C PHE B 205 -7.37 -35.53 31.18
N LEU B 206 -8.53 -35.42 31.82
CA LEU B 206 -8.60 -34.80 33.15
C LEU B 206 -7.77 -35.57 34.17
N GLU B 207 -7.88 -36.90 34.17
CA GLU B 207 -7.07 -37.70 35.10
C GLU B 207 -5.58 -37.55 34.82
N ASN B 208 -5.22 -37.42 33.55
CA ASN B 208 -3.84 -37.12 33.18
C ASN B 208 -3.38 -35.81 33.80
N ILE B 209 -4.21 -34.76 33.68
CA ILE B 209 -3.89 -33.49 34.31
C ILE B 209 -3.76 -33.66 35.81
N GLU B 210 -4.62 -34.48 36.42
CA GLU B 210 -4.53 -34.76 37.85
C GLU B 210 -3.16 -35.33 38.22
N GLN B 211 -2.71 -36.34 37.47
CA GLN B 211 -1.37 -36.88 37.65
C GLN B 211 -0.31 -35.81 37.52
N ASN B 212 -0.36 -35.05 36.42
CA ASN B 212 0.59 -33.95 36.23
C ASN B 212 0.56 -32.97 37.40
N LEU B 213 -0.61 -32.78 38.01
CA LEU B 213 -0.76 -31.89 39.15
C LEU B 213 -0.02 -32.44 40.37
N VAL B 214 -0.26 -33.72 40.69
CA VAL B 214 0.27 -34.28 41.94
C VAL B 214 1.74 -34.66 41.78
N HIS B 215 2.12 -35.21 40.62
CA HIS B 215 3.45 -35.78 40.44
C HIS B 215 4.39 -34.88 39.66
N LYS B 216 3.91 -34.28 38.58
CA LYS B 216 4.79 -33.42 37.77
C LYS B 216 4.88 -32.02 38.35
N PHE B 217 3.75 -31.35 38.51
CA PHE B 217 3.74 -29.96 38.98
C PHE B 217 3.83 -29.84 40.50
N GLY B 218 3.57 -30.91 41.24
CA GLY B 218 3.80 -30.89 42.67
C GLY B 218 2.68 -30.31 43.51
N PHE B 219 1.43 -30.58 43.17
CA PHE B 219 0.30 -30.09 43.95
C PHE B 219 0.04 -31.03 45.12
N LYS B 220 -0.15 -30.45 46.31
CA LYS B 220 -0.33 -31.23 47.53
C LYS B 220 -1.77 -31.30 48.01
N GLY B 221 -2.60 -30.32 47.67
CA GLY B 221 -3.97 -30.30 48.12
C GLY B 221 -4.82 -31.36 47.44
N LYS B 222 -6.12 -31.31 47.74
CA LYS B 222 -7.06 -32.26 47.16
C LYS B 222 -7.33 -31.91 45.71
N ILE B 223 -7.51 -32.95 44.89
CA ILE B 223 -7.83 -32.77 43.48
C ILE B 223 -9.16 -33.46 43.23
N LYS B 224 -10.12 -32.70 42.73
CA LYS B 224 -11.44 -33.23 42.39
C LYS B 224 -11.68 -33.15 40.90
N LEU B 225 -12.45 -34.10 40.40
CA LEU B 225 -12.85 -34.14 38.99
C LEU B 225 -14.36 -34.07 38.89
N ALA B 226 -14.85 -33.36 37.88
CA ALA B 226 -16.27 -33.20 37.68
C ALA B 226 -16.54 -33.06 36.19
N LEU B 227 -17.58 -33.75 35.73
CA LEU B 227 -17.90 -33.80 34.31
C LEU B 227 -19.30 -33.25 34.08
N SER B 228 -19.52 -32.68 32.90
CA SER B 228 -20.80 -32.08 32.57
C SER B 228 -20.95 -31.98 31.06
N LYS B 229 -22.19 -31.76 30.63
CA LYS B 229 -22.46 -31.49 29.22
C LYS B 229 -22.59 -30.00 28.97
N THR B 230 -23.64 -29.38 29.52
CA THR B 230 -23.83 -27.95 29.40
C THR B 230 -24.27 -27.31 30.71
N THR B 231 -24.24 -28.04 31.83
CA THR B 231 -24.59 -27.52 33.14
C THR B 231 -23.44 -27.87 34.08
N VAL B 232 -22.64 -26.87 34.43
CA VAL B 232 -21.46 -27.05 35.27
C VAL B 232 -21.82 -27.79 36.54
N PRO B 233 -21.02 -28.77 36.96
CA PRO B 233 -21.34 -29.54 38.16
C PRO B 233 -21.30 -28.68 39.41
N GLN B 234 -22.13 -29.06 40.39
CA GLN B 234 -22.22 -28.30 41.64
C GLN B 234 -20.88 -28.11 42.33
N GLU B 235 -19.90 -28.98 42.04
CA GLU B 235 -18.57 -28.81 42.59
C GLU B 235 -17.92 -27.48 42.19
N ILE B 236 -18.24 -26.96 41.01
CA ILE B 236 -17.66 -25.69 40.59
C ILE B 236 -18.23 -24.55 41.43
N TYR B 237 -19.53 -24.61 41.77
CA TYR B 237 -20.14 -23.59 42.62
C TYR B 237 -19.65 -23.67 44.05
N ASP B 238 -18.97 -24.75 44.43
CA ASP B 238 -18.36 -24.86 45.74
C ASP B 238 -16.94 -24.33 45.77
N SER B 239 -16.40 -23.95 44.62
CA SER B 239 -15.08 -23.35 44.55
C SER B 239 -15.14 -21.86 44.90
N THR B 240 -14.01 -21.32 45.33
CA THR B 240 -13.92 -19.90 45.68
C THR B 240 -13.29 -19.05 44.59
N LEU B 241 -12.52 -19.67 43.69
CA LEU B 241 -11.94 -18.98 42.53
C LEU B 241 -12.19 -19.83 41.30
N ILE B 242 -12.97 -19.31 40.37
CA ILE B 242 -13.33 -20.04 39.16
C ILE B 242 -12.52 -19.46 38.00
N VAL B 243 -11.94 -20.35 37.19
CA VAL B 243 -11.14 -19.97 36.03
C VAL B 243 -11.80 -20.60 34.81
N GLY B 244 -12.34 -19.75 33.93
CA GLY B 244 -13.02 -20.21 32.73
C GLY B 244 -12.16 -20.03 31.50
N ALA B 245 -11.98 -21.12 30.76
CA ALA B 245 -11.24 -21.12 29.50
C ALA B 245 -11.97 -21.99 28.49
N THR B 246 -13.29 -21.82 28.40
CA THR B 246 -14.14 -22.64 27.55
C THR B 246 -14.50 -21.89 26.27
N ASN B 247 -14.61 -22.64 25.18
CA ASN B 247 -15.09 -22.08 23.92
C ASN B 247 -16.61 -22.00 23.89
N VAL B 248 -17.31 -22.84 24.66
CA VAL B 248 -18.75 -22.70 24.80
C VAL B 248 -19.03 -21.49 25.69
N ALA B 249 -20.21 -20.91 25.52
CA ALA B 249 -20.54 -19.65 26.16
C ALA B 249 -21.67 -19.83 27.16
N ASN B 250 -21.58 -19.09 28.26
CA ASN B 250 -22.69 -18.98 29.23
C ASN B 250 -23.05 -20.33 29.82
N VAL B 251 -22.03 -21.15 30.10
CA VAL B 251 -22.24 -22.45 30.74
C VAL B 251 -22.24 -22.35 32.27
N LEU B 252 -21.80 -21.21 32.82
CA LEU B 252 -21.71 -21.02 34.27
C LEU B 252 -22.74 -19.97 34.66
N ASP B 253 -23.68 -20.36 35.52
CA ASP B 253 -24.73 -19.46 36.01
C ASP B 253 -24.11 -18.52 37.04
N ILE B 254 -23.89 -17.26 36.64
CA ILE B 254 -23.29 -16.28 37.54
C ILE B 254 -24.20 -16.03 38.74
N MET B 255 -25.51 -16.22 38.57
CA MET B 255 -26.44 -16.05 39.68
C MET B 255 -26.47 -17.24 40.63
N GLN B 256 -25.80 -18.33 40.27
CA GLN B 256 -25.73 -19.53 41.11
C GLN B 256 -24.42 -19.65 41.86
N VAL B 257 -23.42 -18.84 41.53
CA VAL B 257 -22.15 -18.89 42.24
C VAL B 257 -22.32 -18.36 43.65
N LYS B 258 -21.51 -18.88 44.57
CA LYS B 258 -21.58 -18.46 45.96
C LYS B 258 -21.12 -17.01 46.09
N PRO B 259 -21.58 -16.31 47.13
CA PRO B 259 -21.07 -14.96 47.39
C PRO B 259 -19.59 -14.99 47.72
N GLY B 260 -18.92 -13.88 47.42
CA GLY B 260 -17.49 -13.77 47.67
C GLY B 260 -16.61 -14.55 46.72
N THR B 261 -17.16 -15.05 45.62
CA THR B 261 -16.39 -15.84 44.67
C THR B 261 -15.71 -14.93 43.65
N LEU B 262 -14.46 -15.25 43.34
CA LEU B 262 -13.71 -14.55 42.31
C LEU B 262 -13.75 -15.36 41.03
N ILE B 263 -13.99 -14.68 39.91
CA ILE B 263 -14.07 -15.33 38.60
C ILE B 263 -13.07 -14.67 37.67
N VAL B 264 -12.28 -15.49 36.99
CA VAL B 264 -11.35 -15.03 35.96
C VAL B 264 -11.66 -15.80 34.68
N ASP B 265 -11.88 -15.08 33.60
CA ASP B 265 -12.34 -15.70 32.35
C ASP B 265 -11.63 -15.10 31.16
N ASP B 266 -11.03 -15.98 30.35
CA ASP B 266 -10.47 -15.61 29.06
C ASP B 266 -11.42 -15.92 27.91
N SER B 267 -12.50 -16.64 28.19
CA SER B 267 -13.44 -17.07 27.15
C SER B 267 -13.99 -15.88 26.37
N GLY B 268 -14.00 -16.02 25.05
CA GLY B 268 -14.60 -15.04 24.17
C GLY B 268 -15.28 -15.75 23.01
N PRO B 269 -16.61 -15.95 23.10
CA PRO B 269 -17.58 -15.43 24.08
C PRO B 269 -17.39 -15.93 25.51
N HIS B 270 -17.87 -15.16 26.49
CA HIS B 270 -17.66 -15.49 27.89
C HIS B 270 -18.48 -16.70 28.31
N CYS B 271 -18.03 -17.34 29.39
CA CYS B 271 -18.71 -18.52 29.93
C CYS B 271 -19.76 -18.16 30.98
N PHE B 272 -20.00 -16.88 31.21
CA PHE B 272 -21.06 -16.43 32.10
C PHE B 272 -21.70 -15.20 31.49
N SER B 273 -22.95 -14.94 31.89
CA SER B 273 -23.68 -13.79 31.38
C SER B 273 -23.01 -12.49 31.79
N VAL B 274 -22.50 -11.75 30.81
CA VAL B 274 -21.77 -10.51 31.10
C VAL B 274 -22.68 -9.51 31.80
N GLU B 275 -23.85 -9.23 31.22
CA GLU B 275 -24.71 -8.21 31.80
C GLU B 275 -25.26 -8.63 33.15
N GLN B 276 -25.63 -9.90 33.31
CA GLN B 276 -26.10 -10.36 34.62
C GLN B 276 -25.01 -10.22 35.67
N ALA B 277 -23.76 -10.50 35.30
CA ALA B 277 -22.67 -10.34 36.25
C ALA B 277 -22.44 -8.88 36.60
N ILE B 278 -22.41 -8.01 35.59
CA ILE B 278 -22.26 -6.57 35.82
C ILE B 278 -23.35 -6.06 36.76
N LYS B 279 -24.59 -6.45 36.50
CA LYS B 279 -25.71 -5.91 37.27
C LYS B 279 -25.76 -6.51 38.67
N ARG B 280 -25.44 -7.80 38.80
CA ARG B 280 -25.30 -8.41 40.12
C ARG B 280 -24.22 -7.71 40.93
N PHE B 281 -23.09 -7.40 40.31
CA PHE B 281 -22.02 -6.70 41.02
C PHE B 281 -22.46 -5.30 41.40
N GLN B 282 -23.23 -4.63 40.55
CA GLN B 282 -23.69 -3.29 40.86
C GLN B 282 -24.70 -3.30 42.00
N GLU B 283 -25.52 -4.34 42.10
CA GLU B 283 -26.53 -4.40 43.15
C GLU B 283 -25.95 -4.89 44.47
N ARG B 284 -25.21 -6.00 44.44
CA ARG B 284 -24.81 -6.71 45.64
C ARG B 284 -23.33 -6.58 45.97
N GLU B 285 -22.47 -6.44 44.96
CA GLU B 285 -21.02 -6.29 45.16
C GLU B 285 -20.43 -7.47 45.91
N ASP B 286 -20.93 -8.68 45.62
CA ASP B 286 -20.47 -9.88 46.31
C ASP B 286 -19.64 -10.79 45.42
N ILE B 287 -19.22 -10.33 44.24
CA ILE B 287 -18.38 -11.11 43.35
C ILE B 287 -17.31 -10.20 42.75
N LEU B 288 -16.22 -10.81 42.31
CA LEU B 288 -15.22 -10.16 41.47
C LEU B 288 -15.06 -10.98 40.20
N PHE B 289 -15.08 -10.30 39.05
CA PHE B 289 -14.99 -10.96 37.76
C PHE B 289 -14.28 -10.04 36.79
N SER B 290 -13.48 -10.64 35.90
CA SER B 290 -12.69 -9.84 34.96
C SER B 290 -12.24 -10.70 33.79
N GLU B 291 -11.85 -10.03 32.72
CA GLU B 291 -11.21 -10.69 31.60
C GLU B 291 -9.88 -11.30 32.03
N GLY B 292 -9.44 -12.31 31.28
CA GLY B 292 -8.21 -12.99 31.63
C GLY B 292 -7.03 -12.63 30.74
N GLY B 293 -7.31 -12.31 29.49
CA GLY B 293 -6.27 -12.06 28.51
C GLY B 293 -5.81 -10.63 28.36
N MET B 294 -6.20 -9.74 29.26
CA MET B 294 -5.85 -8.32 29.17
C MET B 294 -4.63 -8.03 30.04
N LEU B 295 -3.64 -7.37 29.46
CA LEU B 295 -2.45 -6.91 30.16
C LEU B 295 -2.49 -5.40 30.30
N ARG B 296 -1.86 -4.89 31.36
CA ARG B 296 -1.77 -3.45 31.59
C ARG B 296 -0.29 -3.07 31.52
N SER B 297 0.09 -2.41 30.44
CA SER B 297 1.47 -1.99 30.27
C SER B 297 1.84 -0.94 31.31
N PRO B 298 3.10 -0.92 31.74
CA PRO B 298 3.53 0.13 32.67
C PRO B 298 3.55 1.51 32.02
N PHE B 299 3.74 1.58 30.71
CA PHE B 299 3.69 2.83 29.97
C PHE B 299 2.47 2.87 29.05
N PRO B 300 1.89 4.04 28.81
CA PRO B 300 0.71 4.11 27.96
C PRO B 300 1.03 3.74 26.52
N ILE B 301 0.03 3.15 25.85
CA ILE B 301 0.16 2.71 24.47
C ILE B 301 -0.45 3.79 23.57
N LYS B 302 0.31 4.20 22.56
CA LYS B 302 -0.17 5.22 21.61
C LYS B 302 -0.91 4.51 20.48
N THR B 303 -2.22 4.76 20.38
CA THR B 303 -3.08 4.06 19.44
C THR B 303 -3.49 5.01 18.31
N THR B 304 -2.98 4.74 17.11
CA THR B 304 -3.43 5.42 15.91
C THR B 304 -4.60 4.63 15.32
N VAL B 305 -5.70 5.31 15.02
CA VAL B 305 -6.93 4.66 14.60
C VAL B 305 -7.34 5.20 13.23
N HIS B 306 -7.57 4.28 12.30
CA HIS B 306 -8.13 4.59 10.98
C HIS B 306 -9.38 3.75 10.80
N LEU B 307 -10.53 4.41 10.82
CA LEU B 307 -11.81 3.75 10.61
C LEU B 307 -12.13 3.64 9.12
N LEU B 308 -12.92 2.63 8.78
CA LEU B 308 -13.43 2.44 7.44
C LEU B 308 -14.17 3.71 7.00
N PRO B 309 -13.75 4.33 5.88
CA PRO B 309 -14.42 5.57 5.45
C PRO B 309 -15.93 5.44 5.33
N SER B 310 -16.43 4.26 4.99
CA SER B 310 -17.88 4.04 4.97
C SER B 310 -18.48 4.25 6.35
N VAL B 311 -17.98 3.53 7.35
CA VAL B 311 -18.50 3.62 8.71
C VAL B 311 -18.06 4.93 9.38
N ALA B 322 -16.99 4.15 21.92
CA ALA B 322 -15.98 3.59 21.03
C ALA B 322 -14.68 3.30 21.78
N VAL B 323 -13.75 2.63 21.08
CA VAL B 323 -12.44 2.32 21.64
C VAL B 323 -11.62 3.59 21.92
N PHE B 324 -12.03 4.74 21.39
CA PHE B 324 -11.29 5.99 21.56
C PHE B 324 -11.13 6.42 23.02
N ASN B 325 -11.85 5.81 23.95
CA ASN B 325 -11.70 6.12 25.37
C ASN B 325 -11.18 4.94 26.18
N SER B 326 -10.79 3.85 25.53
CA SER B 326 -10.25 2.70 26.23
C SER B 326 -8.97 3.06 26.99
N ASN B 327 -8.60 2.20 27.91
CA ASN B 327 -7.43 2.42 28.75
C ASN B 327 -6.16 2.45 27.91
N PRO B 328 -5.40 3.55 27.90
CA PRO B 328 -4.17 3.60 27.11
C PRO B 328 -3.10 2.63 27.59
N PHE B 329 -3.28 2.00 28.75
CA PHE B 329 -2.32 1.04 29.27
C PHE B 329 -2.69 -0.40 28.94
N ASN B 330 -3.91 -0.65 28.48
CA ASN B 330 -4.40 -2.00 28.26
C ASN B 330 -4.02 -2.50 26.87
N ILE B 331 -3.80 -3.81 26.78
CA ILE B 331 -3.47 -4.46 25.52
C ILE B 331 -3.75 -5.95 25.66
N MET B 332 -4.25 -6.57 24.60
CA MET B 332 -4.49 -8.00 24.63
C MET B 332 -3.17 -8.76 24.64
N GLY B 333 -3.09 -9.80 25.48
CA GLY B 333 -1.89 -10.61 25.54
C GLY B 333 -1.62 -11.34 24.24
N CYS B 334 -2.67 -11.86 23.61
CA CYS B 334 -2.51 -12.54 22.32
C CYS B 334 -1.93 -11.58 21.27
N ALA B 335 -2.33 -10.31 21.32
CA ALA B 335 -1.79 -9.34 20.37
C ALA B 335 -0.36 -8.93 20.73
N PHE B 336 -0.08 -8.77 22.02
CA PHE B 336 1.27 -8.45 22.47
C PHE B 336 2.25 -9.60 22.23
N SER B 337 1.73 -10.81 22.00
CA SER B 337 2.57 -11.97 21.77
C SER B 337 3.47 -11.79 20.55
N ALA B 338 2.94 -11.22 19.47
CA ALA B 338 3.74 -11.04 18.25
C ALA B 338 4.91 -10.10 18.50
N LEU B 339 4.65 -8.97 19.17
CA LEU B 339 5.73 -8.04 19.49
C LEU B 339 6.74 -8.69 20.43
N LEU B 340 6.27 -9.49 21.38
CA LEU B 340 7.19 -10.17 22.28
C LEU B 340 8.08 -11.16 21.53
N SER B 341 7.50 -11.94 20.62
CA SER B 341 8.29 -12.88 19.82
C SER B 341 9.25 -12.14 18.89
N SER B 342 8.90 -10.91 18.51
CA SER B 342 9.81 -10.14 17.66
C SER B 342 10.97 -9.58 18.46
N GLN B 343 10.74 -9.18 19.71
CA GLN B 343 11.75 -8.54 20.52
C GLN B 343 12.62 -9.50 21.33
N PHE B 344 12.22 -10.78 21.45
CA PHE B 344 12.92 -11.71 22.32
C PHE B 344 13.11 -13.04 21.61
N GLU B 345 14.37 -13.41 21.35
CA GLU B 345 14.67 -14.68 20.69
C GLU B 345 14.09 -15.85 21.46
N GLN B 346 14.08 -15.77 22.79
CA GLN B 346 13.66 -16.89 23.62
C GLN B 346 12.15 -17.14 23.55
N LEU B 347 11.37 -16.15 23.15
CA LEU B 347 9.91 -16.28 23.08
C LEU B 347 9.52 -16.83 21.71
N GLU B 348 9.54 -18.16 21.59
CA GLU B 348 9.24 -18.80 20.33
C GLU B 348 7.76 -18.69 19.99
N PRO B 349 7.41 -18.60 18.71
CA PRO B 349 6.00 -18.54 18.31
C PRO B 349 5.30 -19.86 18.57
N THR B 350 4.02 -19.76 18.91
CA THR B 350 3.19 -20.92 19.24
C THR B 350 2.23 -21.18 18.08
N VAL B 351 2.33 -22.37 17.48
CA VAL B 351 1.43 -22.80 16.42
C VAL B 351 1.02 -24.25 16.68
N GLY B 352 -0.28 -24.50 16.73
CA GLY B 352 -0.77 -25.83 17.03
C GLY B 352 -0.90 -26.07 18.51
N ILE B 353 -1.06 -27.34 18.85
CA ILE B 353 -1.17 -27.75 20.25
C ILE B 353 0.27 -27.96 20.74
N CYS B 354 0.85 -26.90 21.29
CA CYS B 354 2.22 -26.94 21.78
C CYS B 354 2.23 -27.21 23.29
N ASP B 355 3.43 -27.30 23.84
CA ASP B 355 3.58 -27.52 25.28
C ASP B 355 3.10 -26.30 26.05
N GLY B 356 2.48 -26.54 27.20
CA GLY B 356 1.95 -25.47 28.03
C GLY B 356 2.89 -24.96 29.09
N GLU B 357 4.13 -25.46 29.14
CA GLU B 357 5.08 -25.03 30.16
C GLU B 357 5.97 -23.85 29.73
N GLN B 358 6.07 -23.56 28.44
CA GLN B 358 6.87 -22.41 28.02
C GLN B 358 6.15 -21.08 28.15
N SER B 359 4.86 -21.07 28.52
CA SER B 359 4.21 -19.82 28.94
C SER B 359 4.95 -19.21 30.11
N GLU B 360 5.68 -20.05 30.84
CA GLU B 360 6.52 -19.64 31.96
C GLU B 360 7.51 -18.56 31.56
N LEU B 361 8.20 -18.74 30.42
CA LEU B 361 9.11 -17.73 29.93
C LEU B 361 8.40 -16.42 29.59
N HIS B 362 7.16 -16.50 29.11
CA HIS B 362 6.40 -15.29 28.85
C HIS B 362 6.05 -14.58 30.16
N TYR B 363 5.63 -15.33 31.17
CA TYR B 363 5.41 -14.73 32.49
C TYR B 363 6.67 -14.05 32.99
N GLN B 364 7.83 -14.70 32.79
CA GLN B 364 9.12 -14.05 33.07
C GLN B 364 9.23 -12.70 32.39
N ILE B 365 9.15 -12.69 31.05
CA ILE B 365 9.40 -11.48 30.29
C ILE B 365 8.44 -10.38 30.70
N LEU B 366 7.17 -10.72 30.90
CA LEU B 366 6.20 -9.73 31.37
C LEU B 366 6.58 -9.19 32.74
N GLN B 367 7.08 -10.05 33.62
CA GLN B 367 7.49 -9.58 34.95
C GLN B 367 8.72 -8.68 34.87
N GLU B 368 9.64 -8.95 33.94
CA GLU B 368 10.83 -8.14 33.81
C GLU B 368 10.49 -6.73 33.33
N LEU B 369 9.54 -6.61 32.41
CA LEU B 369 9.10 -5.32 31.92
C LEU B 369 8.09 -4.65 32.85
N GLU B 370 7.86 -5.24 34.03
CA GLU B 370 6.94 -4.70 35.03
C GLU B 370 5.51 -4.63 34.50
N PHE B 371 5.13 -5.64 33.72
CA PHE B 371 3.75 -5.78 33.29
C PHE B 371 2.89 -6.37 34.39
N GLU B 372 1.60 -6.07 34.35
CA GLU B 372 0.62 -6.69 35.22
C GLU B 372 -0.67 -6.89 34.44
N ALA B 373 -1.61 -7.61 35.04
CA ALA B 373 -2.90 -7.82 34.42
C ALA B 373 -3.65 -6.50 34.32
N GLY B 374 -4.49 -6.41 33.28
CA GLY B 374 -5.33 -5.23 33.13
C GLY B 374 -6.25 -5.04 34.32
N ASP B 375 -6.57 -3.79 34.61
CA ASP B 375 -7.47 -3.46 35.71
C ASP B 375 -8.78 -4.22 35.57
N LEU B 376 -9.36 -4.58 36.72
CA LEU B 376 -10.53 -5.45 36.77
C LEU B 376 -11.64 -4.91 35.88
N HIS B 377 -11.99 -5.69 34.85
CA HIS B 377 -12.95 -5.24 33.86
C HIS B 377 -13.48 -6.45 33.09
N CYS B 378 -14.70 -6.31 32.58
CA CYS B 378 -15.33 -7.34 31.76
C CYS B 378 -15.94 -6.66 30.53
N GLU B 379 -15.34 -6.91 29.37
CA GLU B 379 -15.74 -6.30 28.11
C GLU B 379 -15.80 -4.78 28.23
N HIS B 380 -16.98 -4.20 28.08
CA HIS B 380 -17.15 -2.75 28.13
C HIS B 380 -17.18 -2.21 29.55
N TYR B 381 -17.26 -3.07 30.56
CA TYR B 381 -17.52 -2.66 31.94
C TYR B 381 -16.25 -2.73 32.76
N VAL B 382 -15.82 -1.58 33.29
CA VAL B 382 -14.72 -1.53 34.24
C VAL B 382 -15.31 -1.54 35.64
N LEU B 383 -14.86 -2.49 36.45
CA LEU B 383 -15.33 -2.61 37.83
C LEU B 383 -14.81 -1.44 38.66
N PRO B 384 -15.68 -0.69 39.33
CA PRO B 384 -15.19 0.45 40.14
C PRO B 384 -14.34 -0.03 41.31
N ALA B 385 -13.20 0.63 41.52
CA ALA B 385 -12.24 0.18 42.52
C ALA B 385 -12.82 0.20 43.93
N LYS B 386 -13.63 1.21 44.25
CA LYS B 386 -14.15 1.31 45.61
C LYS B 386 -15.19 0.22 45.89
N SER B 387 -15.96 -0.18 44.87
CA SER B 387 -16.83 -1.34 45.01
C SER B 387 -15.99 -2.60 45.27
N ILE B 388 -14.84 -2.71 44.59
CA ILE B 388 -13.89 -3.77 44.90
C ILE B 388 -13.47 -3.70 46.37
N ALA B 389 -13.27 -2.49 46.89
CA ALA B 389 -12.90 -2.36 48.30
C ALA B 389 -14.02 -2.84 49.22
N ASN B 390 -15.27 -2.52 48.88
CA ASN B 390 -16.39 -3.05 49.65
C ASN B 390 -16.39 -4.57 49.62
N PHE B 391 -16.19 -5.17 48.45
CA PHE B 391 -16.07 -6.62 48.35
C PHE B 391 -14.94 -7.15 49.23
N ARG B 392 -13.75 -6.52 49.14
CA ARG B 392 -12.58 -7.04 49.84
C ARG B 392 -12.74 -6.97 51.34
N GLN B 393 -13.55 -6.02 51.84
CA GLN B 393 -13.83 -6.05 53.26
C GLN B 393 -14.91 -7.08 53.61
N ARG B 394 -15.91 -7.22 52.74
CA ARG B 394 -16.97 -8.19 53.02
C ARG B 394 -16.48 -9.63 52.89
N PHE B 395 -15.40 -9.87 52.14
CA PHE B 395 -14.93 -11.24 51.93
C PHE B 395 -13.41 -11.35 52.04
N GLY B 396 -12.76 -10.42 52.74
CA GLY B 396 -11.34 -10.51 52.96
C GLY B 396 -10.97 -11.33 54.18
N LYS B 397 -9.70 -11.72 54.23
CA LYS B 397 -9.21 -12.58 55.30
C LYS B 397 -8.08 -11.92 56.07
#